data_3F5L
#
_entry.id   3F5L
#
_cell.length_a   79.624
_cell.length_b   100.804
_cell.length_c   127.631
_cell.angle_alpha   90.00
_cell.angle_beta   90.00
_cell.angle_gamma   90.00
#
_symmetry.space_group_name_H-M   'P 21 21 21'
#
loop_
_entity.id
_entity.type
_entity.pdbx_description
1 polymer Beta-glucosidase
2 branched beta-D-glucopyranose-(1-3)-beta-D-glucopyranose
3 non-polymer 'ZINC ION'
4 non-polymer 'SULFATE ION'
5 non-polymer '2-(N-MORPHOLINO)-ETHANESULFONIC ACID'
6 water water
#
_entity_poly.entity_id   1
_entity_poly.type   'polypeptide(L)'
_entity_poly.pdbx_seq_one_letter_code
;AMADVVPKPNWLGGLSRAAFPKRFVFGTVTSAYQVEGMAASGGRGPSIWDAFAHTPGNVAGNQNGDVATDQYHRYKEDVN
LMKSLNFDAYRFSISWSRIFPDGEGRVNQEGVAYYNNLINYLLQKGITPYVNLYHYDLPLALEKKYGGWLNAKMADLFTE
YADFCFKTFGNRVKHWFTFNQPRIVALLGYDQGTNPPKRCTKCAAGGNSATEPYIVAHNFLLSHAAAVARYRTKYQAAQQ
GKVGIVLDFNWYEALSNSTEDQAAAQRARDFHIGWYLDPLINGHYPQIMQDLVKDRLPKFTPEQARLVKGSADYIGINQY
TASYMKGQQLMQQTPTSYSADWQVTYVFAKNGKPIGPQANSNWLYIVPWGMYGCVNYIKQKYGNPTVVITENGMDQPANL
SRDQYLRDTTRVHFYRSYLTQLKKAIDEGANVAGYFAWSLLDNFEWLSGYTSKFGIVYVDFNTLERHPKASAYWFRDMLK
H
;
_entity_poly.pdbx_strand_id   A,B
#
loop_
_chem_comp.id
_chem_comp.type
_chem_comp.name
_chem_comp.formula
BGC D-saccharide, beta linking beta-D-glucopyranose 'C6 H12 O6'
MES non-polymer '2-(N-MORPHOLINO)-ETHANESULFONIC ACID' 'C6 H13 N O4 S'
SO4 non-polymer 'SULFATE ION' 'O4 S -2'
ZN non-polymer 'ZINC ION' 'Zn 2'
#
# COMPACT_ATOMS: atom_id res chain seq x y z
N ASN A 10 40.18 7.62 3.17
CA ASN A 10 38.79 7.67 3.71
C ASN A 10 37.77 7.34 2.63
N TRP A 11 36.67 6.73 3.03
CA TRP A 11 35.71 6.17 2.06
C TRP A 11 34.98 7.23 1.24
N LEU A 12 35.01 8.46 1.71
CA LEU A 12 34.44 9.60 0.96
C LEU A 12 35.38 10.09 -0.14
N GLY A 13 36.65 9.69 -0.07
CA GLY A 13 37.63 10.10 -1.09
C GLY A 13 37.73 11.61 -1.22
N GLY A 14 37.62 12.32 -0.10
CA GLY A 14 37.74 13.78 -0.08
C GLY A 14 36.49 14.53 -0.51
N LEU A 15 35.42 13.79 -0.79
CA LEU A 15 34.17 14.43 -1.20
C LEU A 15 33.33 14.85 0.01
N SER A 16 32.65 15.98 -0.15
CA SER A 16 31.74 16.52 0.85
C SER A 16 31.05 17.68 0.15
N ARG A 17 30.09 18.31 0.81
CA ARG A 17 29.46 19.49 0.22
C ARG A 17 30.45 20.63 -0.05
N ALA A 18 31.49 20.72 0.78
CA ALA A 18 32.51 21.74 0.59
C ALA A 18 33.28 21.55 -0.72
N ALA A 19 33.24 20.34 -1.27
CA ALA A 19 33.94 20.04 -2.51
C ALA A 19 33.18 20.46 -3.77
N PHE A 20 31.95 20.91 -3.57
CA PHE A 20 31.08 21.34 -4.67
C PHE A 20 30.67 22.79 -4.46
N PRO A 21 30.17 23.43 -5.52
CA PRO A 21 29.83 24.86 -5.40
C PRO A 21 28.82 25.15 -4.30
N LYS A 22 28.86 26.38 -3.80
CA LYS A 22 27.87 26.82 -2.84
C LYS A 22 26.47 26.65 -3.44
N ARG A 23 25.56 26.11 -2.64
CA ARG A 23 24.16 25.92 -3.06
C ARG A 23 23.97 24.80 -4.09
N PHE A 24 25.01 24.03 -4.37
CA PHE A 24 24.87 22.87 -5.27
C PHE A 24 23.81 21.95 -4.70
N VAL A 25 22.94 21.46 -5.58
CA VAL A 25 21.79 20.65 -5.18
C VAL A 25 22.07 19.16 -5.33
N PHE A 26 21.83 18.40 -4.25
CA PHE A 26 21.94 16.93 -4.30
C PHE A 26 20.59 16.30 -4.05
N GLY A 27 20.22 15.35 -4.90
CA GLY A 27 18.93 14.67 -4.76
C GLY A 27 18.97 13.20 -5.15
N THR A 28 17.79 12.57 -5.04
CA THR A 28 17.56 11.23 -5.57
C THR A 28 16.38 11.29 -6.52
N VAL A 29 16.17 10.21 -7.27
CA VAL A 29 15.21 10.21 -8.37
C VAL A 29 14.37 8.94 -8.38
N THR A 30 13.10 9.09 -8.73
CA THR A 30 12.24 7.98 -9.10
C THR A 30 11.40 8.45 -10.30
N SER A 31 10.56 7.56 -10.84
CA SER A 31 9.53 7.95 -11.78
C SER A 31 8.23 7.27 -11.40
N ALA A 32 7.11 7.82 -11.86
CA ALA A 32 5.79 7.43 -11.37
C ALA A 32 5.49 5.94 -11.57
N TYR A 33 5.60 5.47 -12.81
CA TYR A 33 5.25 4.07 -13.05
C TYR A 33 6.23 3.13 -12.34
N GLN A 34 7.46 3.58 -12.15
CA GLN A 34 8.48 2.70 -11.59
C GLN A 34 8.35 2.51 -10.08
N VAL A 35 7.71 3.46 -9.38
CA VAL A 35 7.63 3.37 -7.92
C VAL A 35 6.24 3.48 -7.30
N GLU A 36 5.29 4.15 -7.95
CA GLU A 36 4.04 4.48 -7.24
C GLU A 36 3.20 3.29 -6.84
N GLY A 37 3.02 2.37 -7.77
CA GLY A 37 1.96 1.39 -7.63
C GLY A 37 0.60 2.04 -7.80
N MET A 38 -0.42 1.42 -7.23
CA MET A 38 -1.80 1.87 -7.40
C MET A 38 -2.08 2.19 -8.88
N ALA A 39 -1.62 1.30 -9.75
CA ALA A 39 -1.67 1.58 -11.19
C ALA A 39 -3.09 1.65 -11.73
N ALA A 40 -3.99 0.83 -11.18
CA ALA A 40 -5.39 0.81 -11.61
C ALA A 40 -6.30 1.13 -10.44
N SER A 41 -5.81 1.98 -9.55
CA SER A 41 -6.54 2.40 -8.39
C SER A 41 -6.38 3.89 -8.18
N GLY A 42 -7.13 4.43 -7.23
CA GLY A 42 -7.09 5.86 -6.98
C GLY A 42 -7.56 6.68 -8.17
N GLY A 43 -8.32 6.06 -9.06
CA GLY A 43 -8.83 6.72 -10.25
C GLY A 43 -7.90 6.77 -11.45
N ARG A 44 -6.68 6.23 -11.31
CA ARG A 44 -5.71 6.31 -12.41
C ARG A 44 -6.17 5.52 -13.62
N GLY A 45 -6.04 6.13 -14.81
CA GLY A 45 -6.29 5.40 -16.05
C GLY A 45 -5.00 4.75 -16.57
N PRO A 46 -5.12 3.79 -17.48
CA PRO A 46 -3.91 3.10 -17.94
C PRO A 46 -3.00 3.94 -18.82
N SER A 47 -1.70 3.69 -18.71
CA SER A 47 -0.71 4.19 -19.65
C SER A 47 -0.34 3.12 -20.66
N ILE A 48 0.42 3.52 -21.68
CA ILE A 48 0.92 2.55 -22.64
C ILE A 48 1.81 1.48 -21.96
N TRP A 49 2.42 1.82 -20.82
CA TRP A 49 3.25 0.85 -20.10
C TRP A 49 2.42 -0.16 -19.32
N ASP A 50 1.22 0.24 -18.88
CA ASP A 50 0.32 -0.72 -18.25
C ASP A 50 -0.05 -1.81 -19.25
N ALA A 51 -0.49 -1.39 -20.44
CA ALA A 51 -0.88 -2.36 -21.47
C ALA A 51 0.30 -3.24 -21.88
N PHE A 52 1.45 -2.61 -22.05
CA PHE A 52 2.65 -3.33 -22.47
C PHE A 52 3.06 -4.38 -21.42
N ALA A 53 3.14 -3.96 -20.16
CA ALA A 53 3.63 -4.85 -19.11
C ALA A 53 2.67 -5.99 -18.79
N HIS A 54 1.39 -5.80 -19.08
CA HIS A 54 0.39 -6.83 -18.83
C HIS A 54 0.31 -7.87 -19.94
N THR A 55 1.09 -7.69 -21.00
CA THR A 55 1.12 -8.65 -22.10
C THR A 55 2.22 -9.67 -21.84
N PRO A 56 1.88 -10.97 -21.77
CA PRO A 56 2.89 -11.98 -21.47
C PRO A 56 4.10 -11.89 -22.40
N GLY A 57 5.30 -12.03 -21.82
CA GLY A 57 6.54 -12.01 -22.59
C GLY A 57 7.23 -10.66 -22.72
N ASN A 58 6.49 -9.57 -22.47
CA ASN A 58 7.06 -8.25 -22.69
C ASN A 58 8.09 -7.82 -21.64
N VAL A 59 7.85 -8.20 -20.39
CA VAL A 59 8.71 -7.83 -19.27
C VAL A 59 9.23 -9.09 -18.58
N ALA A 60 10.47 -9.03 -18.07
CA ALA A 60 11.03 -10.15 -17.31
C ALA A 60 10.04 -10.69 -16.29
N GLY A 61 9.84 -12.01 -16.28
CA GLY A 61 8.96 -12.65 -15.33
C GLY A 61 7.49 -12.27 -15.44
N ASN A 62 7.11 -11.68 -16.58
CA ASN A 62 5.76 -11.13 -16.77
C ASN A 62 5.35 -10.18 -15.66
N GLN A 63 6.31 -9.41 -15.17
CA GLN A 63 6.06 -8.49 -14.07
C GLN A 63 5.55 -7.15 -14.58
N ASN A 64 4.99 -6.36 -13.67
CA ASN A 64 4.41 -5.07 -14.04
C ASN A 64 4.50 -4.12 -12.87
N GLY A 65 4.06 -2.87 -13.08
CA GLY A 65 4.09 -1.86 -12.03
C GLY A 65 2.78 -1.70 -11.26
N ASP A 66 1.94 -2.73 -11.24
CA ASP A 66 0.65 -2.59 -10.53
C ASP A 66 0.84 -2.13 -9.08
N VAL A 67 1.81 -2.74 -8.40
CA VAL A 67 2.16 -2.39 -7.01
C VAL A 67 3.51 -1.69 -6.91
N ALA A 68 4.50 -2.15 -7.69
CA ALA A 68 5.83 -1.54 -7.67
C ALA A 68 6.34 -1.44 -6.23
N THR A 69 6.79 -0.26 -5.81
CA THR A 69 7.24 -0.09 -4.41
C THR A 69 6.12 0.39 -3.49
N ASP A 70 4.95 0.63 -4.05
CA ASP A 70 3.80 1.16 -3.29
C ASP A 70 4.12 2.50 -2.62
N GLN A 71 4.91 3.33 -3.30
CA GLN A 71 5.20 4.66 -2.77
C GLN A 71 3.91 5.46 -2.56
N TYR A 72 2.87 5.16 -3.35
CA TYR A 72 1.59 5.83 -3.20
C TYR A 72 1.10 5.81 -1.75
N HIS A 73 1.28 4.68 -1.06
CA HIS A 73 0.84 4.57 0.32
C HIS A 73 1.94 4.79 1.34
N ARG A 74 3.18 4.93 0.88
CA ARG A 74 4.33 4.96 1.79
C ARG A 74 5.16 6.21 1.63
N TYR A 75 4.64 7.20 0.91
CA TYR A 75 5.48 8.34 0.52
C TYR A 75 6.08 9.09 1.72
N LYS A 76 5.38 9.16 2.85
CA LYS A 76 5.96 9.84 4.00
C LYS A 76 7.16 9.06 4.58
N GLU A 77 7.10 7.74 4.54
CA GLU A 77 8.26 6.95 4.92
C GLU A 77 9.45 7.28 4.02
N ASP A 78 9.20 7.34 2.72
CA ASP A 78 10.28 7.55 1.77
C ASP A 78 10.86 8.97 1.86
N VAL A 79 10.01 9.96 2.08
CA VAL A 79 10.48 11.33 2.26
C VAL A 79 11.27 11.44 3.57
N ASN A 80 10.80 10.80 4.63
CA ASN A 80 11.58 10.80 5.87
C ASN A 80 12.97 10.21 5.65
N LEU A 81 13.03 9.14 4.86
CA LEU A 81 14.29 8.48 4.59
C LEU A 81 15.23 9.39 3.81
N MET A 82 14.76 10.01 2.74
CA MET A 82 15.65 10.87 1.97
C MET A 82 16.16 12.06 2.81
N LYS A 83 15.31 12.59 3.71
CA LYS A 83 15.76 13.67 4.57
C LYS A 83 16.84 13.16 5.54
N SER A 84 16.64 11.97 6.08
CA SER A 84 17.63 11.38 7.00
C SER A 84 18.99 11.15 6.32
N LEU A 85 18.98 11.02 5.00
CA LEU A 85 20.21 10.78 4.23
C LEU A 85 20.84 12.09 3.74
N ASN A 86 20.28 13.21 4.19
CA ASN A 86 20.84 14.55 3.95
C ASN A 86 20.73 15.08 2.52
N PHE A 87 19.80 14.53 1.74
CA PHE A 87 19.52 15.07 0.41
C PHE A 87 18.75 16.40 0.52
N ASP A 88 18.90 17.24 -0.51
CA ASP A 88 18.24 18.55 -0.60
C ASP A 88 16.98 18.54 -1.45
N ALA A 89 16.87 17.56 -2.34
CA ALA A 89 15.88 17.61 -3.41
C ALA A 89 15.45 16.22 -3.80
N TYR A 90 14.28 16.12 -4.42
CA TYR A 90 13.76 14.85 -4.89
C TYR A 90 13.20 15.08 -6.29
N ARG A 91 13.71 14.33 -7.26
CA ARG A 91 13.17 14.35 -8.62
C ARG A 91 12.19 13.18 -8.75
N PHE A 92 10.95 13.49 -9.10
CA PHE A 92 9.92 12.48 -9.30
C PHE A 92 9.05 12.94 -10.45
N SER A 93 8.18 12.05 -10.92
CA SER A 93 7.29 12.44 -12.01
C SER A 93 5.82 12.35 -11.63
N ILE A 94 5.01 13.15 -12.33
CA ILE A 94 3.56 13.07 -12.24
C ILE A 94 3.09 12.16 -13.36
N SER A 95 2.24 11.18 -13.00
CA SER A 95 1.62 10.32 -14.00
C SER A 95 0.46 11.05 -14.67
N TRP A 96 0.61 11.31 -15.96
CA TRP A 96 -0.41 12.01 -16.75
C TRP A 96 -1.77 11.33 -16.58
N SER A 97 -1.79 10.01 -16.68
CA SER A 97 -3.07 9.29 -16.60
C SER A 97 -3.61 9.15 -15.17
N ARG A 98 -2.83 9.53 -14.16
CA ARG A 98 -3.37 9.64 -12.80
C ARG A 98 -4.12 10.97 -12.64
N ILE A 99 -3.70 12.00 -13.35
CA ILE A 99 -4.38 13.30 -13.35
C ILE A 99 -5.57 13.33 -14.31
N PHE A 100 -5.31 12.93 -15.55
CA PHE A 100 -6.34 12.84 -16.60
C PHE A 100 -6.40 11.38 -17.07
N PRO A 101 -7.36 10.59 -16.56
CA PRO A 101 -7.37 9.17 -16.91
C PRO A 101 -7.42 8.91 -18.42
N ASP A 102 -8.08 9.81 -19.17
CA ASP A 102 -8.16 9.70 -20.63
C ASP A 102 -7.14 10.57 -21.35
N GLY A 103 -6.27 11.25 -20.60
CA GLY A 103 -5.24 12.12 -21.18
C GLY A 103 -5.70 13.53 -21.50
N GLU A 104 -7.01 13.75 -21.46
CA GLU A 104 -7.65 15.02 -21.78
C GLU A 104 -9.02 14.94 -21.11
N GLY A 105 -9.65 16.09 -20.90
CA GLY A 105 -11.00 16.10 -20.35
C GLY A 105 -11.07 16.03 -18.83
N ARG A 106 -11.68 14.97 -18.31
CA ARG A 106 -12.01 14.87 -16.89
C ARG A 106 -10.78 14.75 -16.00
N VAL A 107 -10.74 15.56 -14.95
CA VAL A 107 -9.68 15.52 -13.94
C VAL A 107 -10.03 14.52 -12.84
N ASN A 108 -9.07 13.67 -12.50
CA ASN A 108 -9.21 12.74 -11.38
C ASN A 108 -8.75 13.43 -10.09
N GLN A 109 -9.71 13.92 -9.30
CA GLN A 109 -9.35 14.71 -8.12
C GLN A 109 -8.52 13.93 -7.09
N GLU A 110 -8.77 12.63 -6.99
CA GLU A 110 -8.01 11.80 -6.05
C GLU A 110 -6.51 11.78 -6.44
N GLY A 111 -6.25 11.78 -7.75
CA GLY A 111 -4.86 11.83 -8.25
C GLY A 111 -4.19 13.15 -7.94
N VAL A 112 -4.92 14.24 -8.16
CA VAL A 112 -4.43 15.58 -7.82
C VAL A 112 -4.08 15.63 -6.32
N ALA A 113 -4.95 15.06 -5.49
CA ALA A 113 -4.74 15.08 -4.04
C ALA A 113 -3.45 14.34 -3.65
N TYR A 114 -3.16 13.22 -4.32
CA TYR A 114 -1.91 12.51 -4.03
C TYR A 114 -0.69 13.43 -4.25
N TYR A 115 -0.61 14.04 -5.42
CA TYR A 115 0.54 14.89 -5.70
C TYR A 115 0.59 16.12 -4.80
N ASN A 116 -0.56 16.69 -4.46
CA ASN A 116 -0.56 17.77 -3.49
C ASN A 116 0.01 17.31 -2.14
N ASN A 117 -0.40 16.12 -1.70
CA ASN A 117 0.09 15.58 -0.44
C ASN A 117 1.59 15.32 -0.45
N LEU A 118 2.08 14.76 -1.55
CA LEU A 118 3.50 14.49 -1.71
C LEU A 118 4.31 15.80 -1.73
N ILE A 119 3.90 16.73 -2.58
CA ILE A 119 4.58 18.03 -2.67
C ILE A 119 4.59 18.75 -1.32
N ASN A 120 3.45 18.79 -0.66
CA ASN A 120 3.37 19.48 0.63
C ASN A 120 4.25 18.82 1.69
N TYR A 121 4.31 17.49 1.71
CA TYR A 121 5.16 16.81 2.68
C TYR A 121 6.63 17.03 2.39
N LEU A 122 7.03 16.96 1.11
CA LEU A 122 8.40 17.30 0.73
C LEU A 122 8.79 18.66 1.27
N LEU A 123 7.95 19.66 1.02
CA LEU A 123 8.26 21.02 1.45
C LEU A 123 8.30 21.13 2.98
N GLN A 124 7.36 20.46 3.65
CA GLN A 124 7.35 20.42 5.12
C GLN A 124 8.67 19.89 5.66
N LYS A 125 9.25 18.92 4.97
CA LYS A 125 10.50 18.27 5.41
C LYS A 125 11.76 18.93 4.83
N GLY A 126 11.61 20.05 4.13
CA GLY A 126 12.75 20.78 3.59
C GLY A 126 13.40 20.14 2.37
N ILE A 127 12.63 19.39 1.60
CA ILE A 127 13.13 18.75 0.37
C ILE A 127 12.50 19.44 -0.84
N THR A 128 13.33 19.92 -1.76
CA THR A 128 12.82 20.66 -2.92
C THR A 128 12.31 19.69 -3.99
N PRO A 129 11.06 19.87 -4.43
CA PRO A 129 10.54 19.01 -5.49
C PRO A 129 11.03 19.45 -6.89
N TYR A 130 11.59 18.49 -7.63
CA TYR A 130 11.96 18.68 -9.04
C TYR A 130 11.03 17.74 -9.81
N VAL A 131 10.13 18.29 -10.60
CA VAL A 131 8.99 17.51 -11.07
C VAL A 131 8.99 17.30 -12.58
N ASN A 132 9.07 16.05 -13.01
CA ASN A 132 8.89 15.68 -14.41
C ASN A 132 7.42 15.53 -14.73
N LEU A 133 7.00 16.10 -15.85
CA LEU A 133 5.61 15.95 -16.30
C LEU A 133 5.39 14.61 -17.00
N TYR A 134 6.45 14.04 -17.57
CA TYR A 134 6.31 12.86 -18.42
C TYR A 134 7.53 11.97 -18.26
N HIS A 135 7.27 10.68 -18.04
CA HIS A 135 8.36 9.70 -17.91
C HIS A 135 7.90 8.37 -18.51
N TYR A 136 7.73 8.38 -19.84
CA TYR A 136 7.36 7.23 -20.69
C TYR A 136 5.89 6.85 -20.66
N ASP A 137 5.14 7.41 -19.73
CA ASP A 137 3.84 6.88 -19.36
C ASP A 137 2.67 7.60 -20.03
N LEU A 138 2.70 7.64 -21.36
CA LEU A 138 1.61 8.25 -22.13
C LEU A 138 0.28 7.55 -21.79
N PRO A 139 -0.78 8.35 -21.50
CA PRO A 139 -2.09 7.73 -21.34
C PRO A 139 -2.46 6.86 -22.54
N LEU A 140 -2.91 5.63 -22.26
CA LEU A 140 -3.27 4.68 -23.31
C LEU A 140 -4.33 5.26 -24.24
N ALA A 141 -5.25 6.03 -23.67
CA ALA A 141 -6.32 6.61 -24.49
C ALA A 141 -5.76 7.53 -25.58
N LEU A 142 -4.66 8.22 -25.28
CA LEU A 142 -4.06 9.13 -26.27
C LEU A 142 -3.31 8.37 -27.37
N GLU A 143 -2.69 7.26 -26.99
CA GLU A 143 -2.06 6.39 -27.98
C GLU A 143 -3.11 5.88 -28.97
N LYS A 144 -4.22 5.37 -28.44
CA LYS A 144 -5.27 4.79 -29.29
C LYS A 144 -6.02 5.84 -30.12
N LYS A 145 -6.30 6.99 -29.52
CA LYS A 145 -7.13 8.00 -30.20
C LYS A 145 -6.34 8.83 -31.20
N TYR A 146 -5.09 9.14 -30.87
CA TYR A 146 -4.30 10.10 -31.63
C TYR A 146 -3.06 9.51 -32.30
N GLY A 147 -2.64 8.33 -31.86
CA GLY A 147 -1.40 7.74 -32.35
C GLY A 147 -0.18 8.24 -31.60
N GLY A 148 -0.38 8.78 -30.41
CA GLY A 148 0.74 9.19 -29.57
C GLY A 148 1.69 10.14 -30.28
N TRP A 149 2.98 9.92 -30.08
CA TRP A 149 4.02 10.88 -30.49
C TRP A 149 4.24 10.98 -32.00
N LEU A 150 3.54 10.14 -32.75
CA LEU A 150 3.54 10.28 -34.20
C LEU A 150 2.69 11.49 -34.65
N ASN A 151 1.80 11.95 -33.77
CA ASN A 151 0.83 12.99 -34.12
C ASN A 151 1.26 14.36 -33.59
N ALA A 152 1.38 15.33 -34.49
CA ALA A 152 1.76 16.69 -34.08
C ALA A 152 0.78 17.32 -33.08
N LYS A 153 -0.44 16.78 -33.03
CA LYS A 153 -1.44 17.24 -32.06
C LYS A 153 -0.99 17.03 -30.61
N MET A 154 0.03 16.19 -30.40
CA MET A 154 0.56 16.01 -29.06
C MET A 154 1.03 17.32 -28.44
N ALA A 155 1.46 18.29 -29.25
CA ALA A 155 1.90 19.56 -28.69
C ALA A 155 0.75 20.22 -27.92
N ASP A 156 -0.43 20.25 -28.54
CA ASP A 156 -1.62 20.82 -27.89
C ASP A 156 -2.02 20.00 -26.67
N LEU A 157 -2.06 18.68 -26.83
CA LEU A 157 -2.48 17.80 -25.73
C LEU A 157 -1.55 17.90 -24.52
N PHE A 158 -0.25 17.89 -24.79
CA PHE A 158 0.73 18.01 -23.72
C PHE A 158 0.70 19.39 -23.08
N THR A 159 0.52 20.44 -23.89
CA THR A 159 0.47 21.78 -23.34
C THR A 159 -0.72 21.95 -22.38
N GLU A 160 -1.86 21.39 -22.73
CA GLU A 160 -3.04 21.51 -21.87
C GLU A 160 -2.84 20.77 -20.53
N TYR A 161 -2.20 19.60 -20.60
CA TYR A 161 -1.83 18.86 -19.39
C TYR A 161 -0.80 19.64 -18.55
N ALA A 162 0.22 20.17 -19.20
CA ALA A 162 1.22 20.99 -18.52
C ALA A 162 0.59 22.20 -17.86
N ASP A 163 -0.29 22.87 -18.60
CA ASP A 163 -0.99 24.05 -18.08
C ASP A 163 -1.72 23.72 -16.76
N PHE A 164 -2.45 22.61 -16.76
CA PHE A 164 -3.13 22.17 -15.55
C PHE A 164 -2.16 21.98 -14.39
N CYS A 165 -1.04 21.31 -14.65
CA CYS A 165 -0.04 21.08 -13.60
C CYS A 165 0.57 22.38 -13.09
N PHE A 166 0.89 23.31 -14.00
CA PHE A 166 1.42 24.61 -13.58
C PHE A 166 0.40 25.34 -12.69
N LYS A 167 -0.85 25.38 -13.11
CA LYS A 167 -1.90 26.06 -12.36
C LYS A 167 -2.09 25.43 -10.97
N THR A 168 -2.06 24.10 -10.93
CA THR A 168 -2.47 23.38 -9.74
C THR A 168 -1.35 23.24 -8.72
N PHE A 169 -0.11 23.11 -9.20
CA PHE A 169 1.03 22.84 -8.32
C PHE A 169 2.12 23.91 -8.33
N GLY A 170 2.07 24.81 -9.32
CA GLY A 170 3.17 25.74 -9.57
C GLY A 170 3.38 26.85 -8.56
N ASN A 171 2.42 27.07 -7.67
CA ASN A 171 2.64 28.01 -6.58
C ASN A 171 3.65 27.45 -5.58
N ARG A 172 3.81 26.12 -5.61
CA ARG A 172 4.76 25.42 -4.74
C ARG A 172 5.94 24.82 -5.50
N VAL A 173 5.69 24.24 -6.68
CA VAL A 173 6.75 23.63 -7.48
C VAL A 173 7.40 24.69 -8.36
N LYS A 174 8.72 24.85 -8.23
CA LYS A 174 9.47 25.88 -8.95
C LYS A 174 10.49 25.31 -9.93
N HIS A 175 10.65 23.98 -9.94
CA HIS A 175 11.62 23.33 -10.82
C HIS A 175 10.91 22.21 -11.56
N TRP A 176 10.64 22.44 -12.84
CA TRP A 176 9.93 21.48 -13.67
C TRP A 176 10.84 20.92 -14.75
N PHE A 177 10.49 19.72 -15.23
CA PHE A 177 11.01 19.18 -16.47
C PHE A 177 9.81 18.70 -17.26
N THR A 178 9.88 18.81 -18.58
CA THR A 178 8.82 18.28 -19.42
C THR A 178 9.00 16.77 -19.61
N PHE A 179 10.02 16.38 -20.37
CA PHE A 179 10.19 14.99 -20.78
C PHE A 179 11.42 14.33 -20.19
N ASN A 180 11.42 12.99 -20.26
CA ASN A 180 12.55 12.17 -19.86
C ASN A 180 13.02 11.29 -21.00
N GLN A 181 14.25 11.53 -21.45
CA GLN A 181 14.89 10.68 -22.46
C GLN A 181 14.06 10.45 -23.71
N PRO A 182 13.66 11.53 -24.40
CA PRO A 182 12.96 11.35 -25.66
C PRO A 182 13.76 10.51 -26.66
N ARG A 183 15.09 10.54 -26.59
CA ARG A 183 15.90 9.70 -27.48
C ARG A 183 15.56 8.24 -27.32
N ILE A 184 15.37 7.82 -26.06
CA ILE A 184 15.10 6.41 -25.77
C ILE A 184 13.67 6.03 -26.19
N VAL A 185 12.72 6.95 -26.03
CA VAL A 185 11.37 6.70 -26.56
C VAL A 185 11.44 6.51 -28.08
N ALA A 186 12.17 7.37 -28.76
CA ALA A 186 12.30 7.28 -30.21
C ALA A 186 13.01 5.97 -30.60
N LEU A 187 14.12 5.69 -29.93
CA LEU A 187 14.93 4.52 -30.27
C LEU A 187 14.20 3.20 -29.98
N LEU A 188 13.75 3.03 -28.74
CA LEU A 188 13.19 1.75 -28.36
C LEU A 188 11.73 1.60 -28.76
N GLY A 189 11.00 2.70 -28.78
CA GLY A 189 9.59 2.67 -29.15
C GLY A 189 9.32 2.60 -30.63
N TYR A 190 10.26 3.13 -31.43
CA TYR A 190 10.00 3.36 -32.86
C TYR A 190 11.09 2.95 -33.85
N ASP A 191 12.28 2.62 -33.33
CA ASP A 191 13.38 2.11 -34.16
C ASP A 191 13.47 0.60 -33.93
N GLN A 192 13.79 0.21 -32.70
CA GLN A 192 13.95 -1.21 -32.36
C GLN A 192 12.62 -1.89 -32.05
N GLY A 193 11.63 -1.12 -31.60
CA GLY A 193 10.32 -1.68 -31.28
C GLY A 193 10.27 -2.56 -30.04
N THR A 194 11.15 -2.31 -29.07
CA THR A 194 11.19 -3.12 -27.85
C THR A 194 10.55 -2.43 -26.63
N ASN A 195 10.18 -1.16 -26.76
CA ASN A 195 9.38 -0.49 -25.74
C ASN A 195 8.07 -0.08 -26.40
N PRO A 196 7.01 0.18 -25.60
CA PRO A 196 5.76 0.61 -26.24
C PRO A 196 5.97 1.91 -27.02
N PRO A 197 5.31 2.05 -28.18
CA PRO A 197 4.26 1.21 -28.76
C PRO A 197 4.74 0.01 -29.59
N LYS A 198 6.00 -0.39 -29.45
CA LYS A 198 6.53 -1.56 -30.17
C LYS A 198 6.43 -1.42 -31.69
N ARG A 199 6.81 -0.26 -32.19
CA ARG A 199 6.79 -0.01 -33.63
C ARG A 199 8.18 -0.11 -34.22
N CYS A 200 8.25 -0.66 -35.43
CA CYS A 200 9.50 -0.80 -36.14
C CYS A 200 9.17 -1.36 -37.51
N THR A 201 10.15 -1.40 -38.40
CA THR A 201 9.90 -1.87 -39.76
C THR A 201 9.30 -3.28 -39.78
N LYS A 202 9.87 -4.20 -39.00
CA LYS A 202 9.36 -5.59 -39.01
C LYS A 202 8.18 -5.86 -38.05
N CYS A 203 7.81 -4.87 -37.26
CA CYS A 203 6.94 -5.07 -36.09
C CYS A 203 5.46 -5.35 -36.38
N ALA A 204 4.85 -6.19 -35.54
CA ALA A 204 3.42 -6.52 -35.65
C ALA A 204 2.53 -5.29 -35.60
N ALA A 205 2.91 -4.31 -34.77
CA ALA A 205 2.12 -3.12 -34.60
C ALA A 205 2.26 -2.16 -35.77
N GLY A 206 3.19 -2.46 -36.67
CA GLY A 206 3.48 -1.57 -37.78
C GLY A 206 4.70 -0.71 -37.48
N GLY A 207 5.02 0.20 -38.39
CA GLY A 207 6.10 1.15 -38.17
C GLY A 207 7.10 1.23 -39.31
N ASN A 208 8.13 2.05 -39.07
CA ASN A 208 9.16 2.32 -40.05
C ASN A 208 10.36 2.89 -39.28
N SER A 209 11.36 2.05 -39.08
CA SER A 209 12.50 2.41 -38.23
C SER A 209 13.34 3.55 -38.80
N ALA A 210 13.16 3.85 -40.09
CA ALA A 210 13.93 4.89 -40.74
C ALA A 210 13.28 6.27 -40.69
N THR A 211 11.99 6.31 -40.39
CA THR A 211 11.25 7.58 -40.41
C THR A 211 10.64 7.95 -39.07
N GLU A 212 10.03 6.97 -38.39
CA GLU A 212 9.26 7.27 -37.18
C GLU A 212 10.07 7.84 -36.01
N PRO A 213 11.29 7.33 -35.78
CA PRO A 213 12.08 7.93 -34.69
C PRO A 213 12.25 9.45 -34.86
N TYR A 214 12.42 9.90 -36.10
CA TYR A 214 12.62 11.33 -36.35
C TYR A 214 11.35 12.14 -36.17
N ILE A 215 10.21 11.57 -36.57
CA ILE A 215 8.91 12.23 -36.37
C ILE A 215 8.66 12.40 -34.87
N VAL A 216 8.91 11.32 -34.11
CA VAL A 216 8.68 11.32 -32.67
C VAL A 216 9.56 12.35 -31.95
N ALA A 217 10.85 12.39 -32.28
CA ALA A 217 11.76 13.36 -31.66
C ALA A 217 11.30 14.78 -31.96
N HIS A 218 10.87 15.01 -33.20
CA HIS A 218 10.42 16.32 -33.62
C HIS A 218 9.21 16.74 -32.79
N ASN A 219 8.27 15.82 -32.60
CA ASN A 219 7.09 16.15 -31.81
C ASN A 219 7.39 16.36 -30.34
N PHE A 220 8.37 15.65 -29.79
CA PHE A 220 8.80 15.93 -28.41
C PHE A 220 9.36 17.35 -28.30
N LEU A 221 10.21 17.74 -29.25
CA LEU A 221 10.78 19.09 -29.24
C LEU A 221 9.69 20.17 -29.40
N LEU A 222 8.77 19.99 -30.33
CA LEU A 222 7.69 20.97 -30.51
C LEU A 222 6.77 21.02 -29.29
N SER A 223 6.53 19.87 -28.67
CA SER A 223 5.66 19.82 -27.49
C SER A 223 6.32 20.47 -26.27
N HIS A 224 7.61 20.21 -26.08
CA HIS A 224 8.37 20.89 -25.03
C HIS A 224 8.28 22.40 -25.22
N ALA A 225 8.53 22.87 -26.45
CA ALA A 225 8.55 24.31 -26.71
C ALA A 225 7.19 24.94 -26.47
N ALA A 226 6.12 24.24 -26.84
CA ALA A 226 4.79 24.76 -26.63
C ALA A 226 4.45 24.87 -25.15
N ALA A 227 4.83 23.85 -24.38
CA ALA A 227 4.54 23.87 -22.95
C ALA A 227 5.31 24.99 -22.23
N VAL A 228 6.55 25.19 -22.63
CA VAL A 228 7.38 26.25 -22.05
C VAL A 228 6.84 27.64 -22.45
N ALA A 229 6.39 27.78 -23.70
CA ALA A 229 5.78 29.05 -24.11
C ALA A 229 4.54 29.35 -23.24
N ARG A 230 3.74 28.33 -22.95
CA ARG A 230 2.59 28.49 -22.07
C ARG A 230 3.02 28.90 -20.66
N TYR A 231 4.04 28.22 -20.12
CA TYR A 231 4.52 28.60 -18.81
C TYR A 231 4.94 30.06 -18.76
N ARG A 232 5.75 30.46 -19.73
CA ARG A 232 6.34 31.79 -19.74
C ARG A 232 5.29 32.88 -19.93
N THR A 233 4.30 32.63 -20.77
CA THR A 233 3.30 33.66 -21.05
C THR A 233 2.19 33.75 -20.02
N LYS A 234 1.87 32.64 -19.34
CA LYS A 234 0.73 32.61 -18.42
C LYS A 234 1.08 32.49 -16.93
N TYR A 235 2.14 31.76 -16.61
CA TYR A 235 2.40 31.39 -15.20
C TYR A 235 3.66 31.96 -14.59
N GLN A 236 4.66 32.29 -15.42
CA GLN A 236 5.97 32.65 -14.90
C GLN A 236 5.97 33.91 -14.06
N ALA A 237 5.20 34.91 -14.45
CA ALA A 237 5.23 36.18 -13.72
C ALA A 237 4.85 35.98 -12.25
N ALA A 238 3.79 35.22 -12.02
CA ALA A 238 3.34 34.94 -10.66
C ALA A 238 4.20 33.89 -9.97
N GLN A 239 4.54 32.83 -10.69
CA GLN A 239 5.17 31.66 -10.04
C GLN A 239 6.69 31.71 -9.97
N GLN A 240 7.33 32.34 -10.96
CA GLN A 240 8.77 32.59 -10.91
C GLN A 240 9.59 31.32 -10.74
N GLY A 241 9.17 30.28 -11.45
CA GLY A 241 9.91 29.02 -11.53
C GLY A 241 10.58 28.82 -12.88
N LYS A 242 10.99 27.59 -13.13
CA LYS A 242 11.81 27.23 -14.29
C LYS A 242 11.34 25.90 -14.86
N VAL A 243 11.55 25.72 -16.16
CA VAL A 243 11.20 24.48 -16.84
C VAL A 243 12.36 24.04 -17.74
N GLY A 244 12.79 22.78 -17.57
CA GLY A 244 13.82 22.20 -18.42
C GLY A 244 13.35 20.91 -19.07
N ILE A 245 14.30 20.10 -19.50
CA ILE A 245 14.02 18.83 -20.17
C ILE A 245 15.16 17.88 -19.77
N VAL A 246 14.89 16.58 -19.73
CA VAL A 246 15.89 15.57 -19.36
C VAL A 246 16.29 14.74 -20.57
N LEU A 247 17.57 14.73 -20.88
CA LEU A 247 18.13 14.04 -22.04
C LEU A 247 19.17 13.03 -21.59
N ASP A 248 19.14 11.83 -22.15
CA ASP A 248 20.24 10.89 -21.90
C ASP A 248 21.47 11.24 -22.72
N PHE A 249 22.64 11.10 -22.12
CA PHE A 249 23.89 11.28 -22.83
C PHE A 249 24.90 10.31 -22.27
N ASN A 250 25.24 9.31 -23.08
CA ASN A 250 26.39 8.48 -22.75
C ASN A 250 27.56 8.90 -23.61
N TRP A 251 28.75 8.82 -23.05
CA TRP A 251 29.92 9.36 -23.72
C TRP A 251 30.37 8.48 -24.89
N TYR A 252 30.92 9.11 -25.91
CA TYR A 252 31.55 8.38 -27.01
C TYR A 252 33.00 8.83 -27.15
N GLU A 253 33.92 7.88 -27.13
CA GLU A 253 35.35 8.16 -27.21
C GLU A 253 35.91 7.50 -28.47
N ALA A 254 36.63 8.27 -29.27
CA ALA A 254 37.25 7.71 -30.47
C ALA A 254 38.19 6.55 -30.12
N LEU A 255 38.13 5.48 -30.90
CA LEU A 255 38.96 4.31 -30.67
C LEU A 255 40.44 4.64 -30.82
N SER A 256 40.72 5.54 -31.76
CA SER A 256 42.08 6.00 -32.02
C SER A 256 42.04 7.47 -32.42
N ASN A 257 43.21 8.08 -32.59
CA ASN A 257 43.26 9.47 -33.01
C ASN A 257 43.17 9.67 -34.51
N SER A 258 42.79 8.61 -35.25
CA SER A 258 42.61 8.74 -36.69
C SER A 258 41.47 9.72 -37.01
N THR A 259 41.55 10.35 -38.17
CA THR A 259 40.53 11.29 -38.62
C THR A 259 39.19 10.58 -38.63
N GLU A 260 39.19 9.35 -39.13
CA GLU A 260 37.98 8.55 -39.29
C GLU A 260 37.36 8.16 -37.93
N ASP A 261 38.19 7.78 -36.96
CA ASP A 261 37.64 7.42 -35.64
C ASP A 261 37.16 8.65 -34.86
N GLN A 262 37.92 9.74 -34.92
CA GLN A 262 37.47 10.98 -34.29
C GLN A 262 36.15 11.46 -34.89
N ALA A 263 36.01 11.37 -36.21
CA ALA A 263 34.76 11.73 -36.88
C ALA A 263 33.60 10.85 -36.44
N ALA A 264 33.87 9.55 -36.28
CA ALA A 264 32.83 8.63 -35.83
C ALA A 264 32.33 8.99 -34.43
N ALA A 265 33.25 9.25 -33.51
CA ALA A 265 32.87 9.59 -32.15
C ALA A 265 32.02 10.84 -32.15
N GLN A 266 32.38 11.82 -32.98
CA GLN A 266 31.64 13.07 -33.04
C GLN A 266 30.26 12.87 -33.67
N ARG A 267 30.19 12.04 -34.70
CA ARG A 267 28.89 11.72 -35.31
C ARG A 267 27.95 11.10 -34.28
N ALA A 268 28.50 10.18 -33.49
CA ALA A 268 27.72 9.53 -32.44
C ALA A 268 27.20 10.55 -31.44
N ARG A 269 28.06 11.47 -31.00
CA ARG A 269 27.61 12.50 -30.08
C ARG A 269 26.48 13.33 -30.70
N ASP A 270 26.62 13.71 -31.95
CA ASP A 270 25.60 14.50 -32.63
C ASP A 270 24.25 13.77 -32.78
N PHE A 271 24.29 12.49 -33.12
CA PHE A 271 23.06 11.69 -33.27
C PHE A 271 22.44 11.34 -31.93
N HIS A 272 23.24 11.41 -30.86
CA HIS A 272 22.78 11.00 -29.52
C HIS A 272 22.22 12.20 -28.74
N ILE A 273 23.09 13.18 -28.45
CA ILE A 273 22.69 14.37 -27.69
C ILE A 273 22.42 15.58 -28.58
N GLY A 274 23.18 15.75 -29.66
CA GLY A 274 23.01 16.90 -30.54
C GLY A 274 21.62 16.96 -31.13
N TRP A 275 21.06 15.80 -31.39
CA TRP A 275 19.71 15.65 -31.93
C TRP A 275 18.71 16.56 -31.19
N TYR A 276 18.87 16.66 -29.87
CA TYR A 276 18.03 17.52 -29.03
C TYR A 276 18.68 18.84 -28.64
N LEU A 277 19.96 18.82 -28.34
CA LEU A 277 20.63 20.04 -27.86
C LEU A 277 20.86 21.08 -28.93
N ASP A 278 21.15 20.68 -30.16
CA ASP A 278 21.29 21.69 -31.20
C ASP A 278 19.97 22.44 -31.44
N PRO A 279 18.83 21.73 -31.49
CA PRO A 279 17.58 22.51 -31.54
C PRO A 279 17.37 23.40 -30.32
N LEU A 280 17.57 22.86 -29.13
CA LEU A 280 17.26 23.60 -27.90
C LEU A 280 18.17 24.79 -27.65
N ILE A 281 19.43 24.67 -28.07
CA ILE A 281 20.41 25.74 -27.81
C ILE A 281 20.62 26.62 -29.04
N ASN A 282 20.65 26.00 -30.22
CA ASN A 282 21.02 26.69 -31.45
C ASN A 282 19.88 26.86 -32.47
N GLY A 283 18.75 26.24 -32.24
CA GLY A 283 17.61 26.38 -33.14
C GLY A 283 17.70 25.62 -34.46
N HIS A 284 18.49 24.55 -34.51
CA HIS A 284 18.56 23.71 -35.70
C HIS A 284 19.03 22.32 -35.32
N TYR A 285 18.72 21.32 -36.15
CA TYR A 285 19.31 19.99 -35.97
C TYR A 285 20.80 19.99 -36.31
N PRO A 286 21.58 19.05 -35.77
CA PRO A 286 23.00 19.00 -36.13
C PRO A 286 23.18 18.89 -37.63
N GLN A 287 24.22 19.53 -38.15
CA GLN A 287 24.46 19.52 -39.59
C GLN A 287 24.64 18.10 -40.12
N ILE A 288 25.33 17.24 -39.38
CA ILE A 288 25.58 15.88 -39.88
C ILE A 288 24.27 15.11 -40.02
N MET A 289 23.31 15.38 -39.14
CA MET A 289 22.00 14.74 -39.26
C MET A 289 21.25 15.26 -40.47
N GLN A 290 21.31 16.57 -40.69
CA GLN A 290 20.70 17.12 -41.91
C GLN A 290 21.32 16.49 -43.15
N ASP A 291 22.65 16.34 -43.14
CA ASP A 291 23.38 15.83 -44.31
C ASP A 291 23.10 14.36 -44.60
N LEU A 292 22.96 13.55 -43.56
CA LEU A 292 22.82 12.10 -43.75
C LEU A 292 21.37 11.63 -43.77
N VAL A 293 20.52 12.27 -42.97
CA VAL A 293 19.13 11.83 -42.84
C VAL A 293 18.24 12.51 -43.89
N LYS A 294 18.66 13.70 -44.34
CA LYS A 294 18.03 14.37 -45.47
C LYS A 294 16.52 14.54 -45.29
N ASP A 295 15.71 14.10 -46.25
CA ASP A 295 14.27 14.40 -46.17
C ASP A 295 13.52 13.61 -45.10
N ARG A 296 14.18 12.63 -44.49
CA ARG A 296 13.57 11.90 -43.38
C ARG A 296 13.65 12.69 -42.06
N LEU A 297 14.46 13.75 -42.04
CA LEU A 297 14.56 14.60 -40.87
C LEU A 297 13.61 15.79 -41.05
N PRO A 298 12.58 15.90 -40.19
CA PRO A 298 11.65 17.02 -40.36
C PRO A 298 12.37 18.37 -40.26
N LYS A 299 11.82 19.39 -40.93
CA LYS A 299 12.38 20.73 -40.91
C LYS A 299 11.55 21.63 -40.02
N PHE A 300 12.20 22.28 -39.06
CA PHE A 300 11.55 23.34 -38.32
C PHE A 300 11.32 24.54 -39.23
N THR A 301 10.14 25.13 -39.17
CA THR A 301 9.97 26.47 -39.78
C THR A 301 10.78 27.46 -38.95
N PRO A 302 11.11 28.63 -39.54
CA PRO A 302 11.80 29.64 -38.74
C PRO A 302 11.07 29.96 -37.44
N GLU A 303 9.75 30.04 -37.47
CA GLU A 303 8.97 30.33 -36.28
C GLU A 303 9.08 29.21 -35.23
N GLN A 304 8.98 27.96 -35.67
CA GLN A 304 9.14 26.83 -34.77
C GLN A 304 10.53 26.77 -34.16
N ALA A 305 11.55 27.02 -34.99
CA ALA A 305 12.93 26.99 -34.52
C ALA A 305 13.14 28.05 -33.44
N ARG A 306 12.52 29.22 -33.61
CA ARG A 306 12.65 30.29 -32.64
C ARG A 306 11.88 30.00 -31.35
N LEU A 307 10.83 29.17 -31.46
CA LEU A 307 10.11 28.73 -30.26
C LEU A 307 10.89 27.68 -29.47
N VAL A 308 11.58 26.80 -30.20
CA VAL A 308 12.38 25.74 -29.58
C VAL A 308 13.70 26.27 -29.00
N LYS A 309 14.38 27.14 -29.74
CA LYS A 309 15.64 27.68 -29.26
C LYS A 309 15.41 28.46 -27.97
N GLY A 310 16.24 28.17 -26.96
CA GLY A 310 16.17 28.87 -25.69
C GLY A 310 15.04 28.42 -24.78
N SER A 311 14.33 27.37 -25.17
CA SER A 311 13.15 26.92 -24.41
C SER A 311 13.43 26.02 -23.21
N ALA A 312 14.69 25.76 -22.91
CA ALA A 312 15.02 25.01 -21.69
C ALA A 312 15.80 25.91 -20.73
N ASP A 313 15.27 26.09 -19.52
CA ASP A 313 15.94 26.91 -18.51
C ASP A 313 17.18 26.24 -17.92
N TYR A 314 17.20 24.91 -17.98
CA TYR A 314 18.37 24.11 -17.66
C TYR A 314 18.26 22.81 -18.43
N ILE A 315 19.38 22.15 -18.63
CA ILE A 315 19.39 20.88 -19.34
C ILE A 315 19.65 19.77 -18.33
N GLY A 316 18.69 18.87 -18.19
CA GLY A 316 18.92 17.68 -17.38
C GLY A 316 19.66 16.65 -18.23
N ILE A 317 20.77 16.14 -17.71
CA ILE A 317 21.51 15.08 -18.37
C ILE A 317 21.49 13.82 -17.52
N ASN A 318 20.98 12.74 -18.10
CA ASN A 318 21.10 11.41 -17.51
C ASN A 318 22.37 10.76 -18.05
N GLN A 319 23.34 10.53 -17.16
CA GLN A 319 24.67 10.09 -17.57
C GLN A 319 24.96 8.77 -16.89
N TYR A 320 25.26 7.72 -17.66
CA TYR A 320 25.54 6.42 -17.07
C TYR A 320 26.86 5.80 -17.50
N THR A 321 27.17 5.90 -18.79
CA THR A 321 28.24 5.06 -19.34
C THR A 321 28.93 5.70 -20.53
N ALA A 322 29.83 4.94 -21.15
CA ALA A 322 30.66 5.40 -22.26
C ALA A 322 30.96 4.23 -23.19
N SER A 323 31.24 4.53 -24.46
CA SER A 323 31.57 3.52 -25.48
C SER A 323 32.71 4.04 -26.34
N TYR A 324 33.56 3.14 -26.82
CA TYR A 324 34.52 3.46 -27.88
C TYR A 324 33.81 3.38 -29.24
N MET A 325 34.17 4.30 -30.13
CA MET A 325 33.64 4.35 -31.48
C MET A 325 34.74 4.26 -32.54
N LYS A 326 34.50 3.40 -33.52
CA LYS A 326 35.38 3.21 -34.67
C LYS A 326 34.67 3.75 -35.90
N GLY A 327 35.43 4.36 -36.79
CA GLY A 327 34.87 4.96 -37.98
C GLY A 327 34.93 4.07 -39.20
N GLN A 328 34.54 4.66 -40.32
CA GLN A 328 34.38 3.97 -41.58
C GLN A 328 34.17 5.07 -42.62
N GLN A 329 34.37 4.75 -43.89
CA GLN A 329 34.10 5.73 -44.92
C GLN A 329 32.59 5.93 -45.03
N LEU A 330 32.15 7.19 -44.98
CA LEU A 330 30.73 7.49 -45.12
C LEU A 330 30.25 7.06 -46.51
N MET A 331 29.16 6.31 -46.54
CA MET A 331 28.65 5.72 -47.77
C MET A 331 27.23 6.16 -48.07
N GLN A 332 26.89 6.19 -49.35
CA GLN A 332 25.51 6.31 -49.77
C GLN A 332 24.83 4.97 -49.52
N GLN A 333 23.77 4.97 -48.72
CA GLN A 333 23.10 3.72 -48.38
C GLN A 333 21.58 3.88 -48.36
N THR A 334 20.86 2.80 -48.66
CA THR A 334 19.42 2.77 -48.55
C THR A 334 19.08 2.90 -47.06
N PRO A 335 18.21 3.85 -46.69
CA PRO A 335 17.87 4.02 -45.28
C PRO A 335 17.22 2.79 -44.68
N THR A 336 17.66 2.42 -43.48
CA THR A 336 17.04 1.32 -42.75
C THR A 336 16.56 1.71 -41.35
N SER A 337 17.34 2.55 -40.64
CA SER A 337 16.98 2.92 -39.28
C SER A 337 17.76 4.11 -38.76
N TYR A 338 17.20 4.77 -37.74
CA TYR A 338 17.91 5.82 -37.02
C TYR A 338 19.28 5.28 -36.58
N SER A 339 19.31 4.06 -36.04
CA SER A 339 20.56 3.50 -35.54
C SER A 339 21.62 3.35 -36.64
N ALA A 340 21.20 2.83 -37.79
CA ALA A 340 22.12 2.62 -38.90
C ALA A 340 22.56 3.94 -39.55
N ASP A 341 21.74 4.98 -39.40
CA ASP A 341 22.06 6.29 -39.98
C ASP A 341 23.36 6.90 -39.47
N TRP A 342 23.80 6.52 -38.27
CA TRP A 342 24.99 7.12 -37.67
C TRP A 342 26.25 6.75 -38.45
N GLN A 343 26.22 5.60 -39.12
CA GLN A 343 27.39 5.04 -39.81
C GLN A 343 28.62 4.99 -38.89
N VAL A 344 28.44 4.40 -37.72
CA VAL A 344 29.54 4.17 -36.78
C VAL A 344 29.62 2.71 -36.38
N THR A 345 30.76 2.34 -35.82
CA THR A 345 30.99 0.98 -35.39
C THR A 345 31.33 0.97 -33.91
N TYR A 346 30.44 0.40 -33.12
CA TYR A 346 30.70 0.19 -31.72
C TYR A 346 31.79 -0.86 -31.57
N VAL A 347 32.73 -0.62 -30.66
CA VAL A 347 33.74 -1.61 -30.34
C VAL A 347 33.88 -1.76 -28.83
N PHE A 348 34.15 -2.99 -28.39
CA PHE A 348 34.23 -3.31 -26.96
C PHE A 348 35.45 -2.74 -26.22
N ALA A 349 36.59 -2.67 -26.89
CA ALA A 349 37.84 -2.48 -26.17
C ALA A 349 38.81 -1.59 -26.91
N LYS A 350 39.84 -1.13 -26.18
CA LYS A 350 40.94 -0.38 -26.76
C LYS A 350 42.25 -0.90 -26.16
N ASN A 351 43.24 -1.13 -27.01
CA ASN A 351 44.52 -1.66 -26.56
C ASN A 351 44.38 -2.92 -25.70
N GLY A 352 43.41 -3.76 -26.06
CA GLY A 352 43.20 -5.04 -25.41
C GLY A 352 42.42 -5.00 -24.10
N LYS A 353 41.97 -3.81 -23.71
CA LYS A 353 41.28 -3.64 -22.44
C LYS A 353 39.85 -3.14 -22.64
N PRO A 354 38.88 -3.78 -21.94
CA PRO A 354 37.50 -3.29 -21.98
C PRO A 354 37.43 -1.87 -21.44
N ILE A 355 36.46 -1.11 -21.90
CA ILE A 355 36.30 0.28 -21.44
C ILE A 355 36.05 0.32 -19.92
N GLY A 356 35.41 -0.71 -19.39
CA GLY A 356 35.18 -0.82 -17.95
C GLY A 356 34.40 -2.09 -17.70
N PRO A 357 34.25 -2.47 -16.41
CA PRO A 357 33.43 -3.63 -16.07
C PRO A 357 31.94 -3.28 -16.18
N GLN A 358 31.10 -4.29 -16.38
CA GLN A 358 29.66 -4.06 -16.49
C GLN A 358 28.95 -4.19 -15.16
N ALA A 359 27.93 -3.36 -14.96
CA ALA A 359 26.99 -3.58 -13.86
C ALA A 359 26.02 -4.70 -14.27
N ASN A 360 24.88 -4.82 -13.61
CA ASN A 360 23.94 -5.85 -14.00
C ASN A 360 23.40 -5.65 -15.43
N SER A 361 23.06 -4.41 -15.78
CA SER A 361 22.53 -4.13 -17.12
C SER A 361 23.66 -4.21 -18.15
N ASN A 362 23.43 -4.94 -19.24
CA ASN A 362 24.49 -5.21 -20.20
C ASN A 362 25.05 -3.96 -20.85
N TRP A 363 24.23 -2.92 -20.97
CA TRP A 363 24.62 -1.66 -21.61
C TRP A 363 25.42 -0.78 -20.66
N LEU A 364 25.43 -1.11 -19.37
CA LEU A 364 25.99 -0.19 -18.37
C LEU A 364 27.42 -0.59 -18.00
N TYR A 365 28.37 0.00 -18.73
CA TYR A 365 29.79 -0.16 -18.43
C TYR A 365 30.19 0.93 -17.44
N ILE A 366 30.89 0.54 -16.39
CA ILE A 366 31.29 1.48 -15.34
C ILE A 366 32.53 2.23 -15.83
N VAL A 367 32.33 3.49 -16.22
CA VAL A 367 33.37 4.33 -16.83
C VAL A 367 33.26 5.74 -16.27
N PRO A 368 33.86 5.97 -15.10
CA PRO A 368 33.68 7.25 -14.45
C PRO A 368 34.11 8.46 -15.32
N TRP A 369 35.16 8.28 -16.12
CA TRP A 369 35.63 9.40 -16.96
C TRP A 369 34.64 9.80 -18.05
N GLY A 370 33.64 8.97 -18.30
CA GLY A 370 32.56 9.36 -19.23
C GLY A 370 31.73 10.52 -18.70
N MET A 371 31.63 10.63 -17.38
CA MET A 371 30.94 11.75 -16.74
C MET A 371 31.67 13.06 -17.04
N TYR A 372 32.99 13.05 -16.87
CA TYR A 372 33.79 14.21 -17.22
C TYR A 372 33.66 14.50 -18.71
N GLY A 373 33.76 13.47 -19.53
CA GLY A 373 33.65 13.62 -20.98
C GLY A 373 32.39 14.35 -21.41
N CYS A 374 31.25 13.88 -20.92
CA CYS A 374 29.96 14.45 -21.29
C CYS A 374 29.81 15.90 -20.82
N VAL A 375 30.19 16.15 -19.57
CA VAL A 375 30.00 17.47 -19.01
C VAL A 375 30.94 18.49 -19.65
N ASN A 376 32.21 18.13 -19.81
CA ASN A 376 33.15 19.00 -20.50
C ASN A 376 32.69 19.26 -21.94
N TYR A 377 32.16 18.25 -22.60
CA TYR A 377 31.74 18.39 -23.99
C TYR A 377 30.59 19.41 -24.14
N ILE A 378 29.59 19.30 -23.27
CA ILE A 378 28.47 20.24 -23.31
C ILE A 378 28.94 21.66 -22.99
N LYS A 379 29.83 21.78 -22.00
CA LYS A 379 30.41 23.08 -21.64
C LYS A 379 31.05 23.72 -22.86
N GLN A 380 31.90 22.98 -23.54
CA GLN A 380 32.71 23.55 -24.62
C GLN A 380 31.94 23.76 -25.92
N LYS A 381 30.94 22.92 -26.18
CA LYS A 381 30.25 22.98 -27.47
C LYS A 381 29.05 23.90 -27.49
N TYR A 382 28.34 23.96 -26.36
CA TYR A 382 27.03 24.63 -26.31
C TYR A 382 26.97 25.89 -25.45
N GLY A 383 28.12 26.54 -25.26
CA GLY A 383 28.14 27.81 -24.53
C GLY A 383 27.91 27.68 -23.03
N ASN A 384 28.30 26.54 -22.47
CA ASN A 384 28.23 26.33 -21.02
C ASN A 384 26.82 26.58 -20.44
N PRO A 385 25.81 25.88 -20.97
CA PRO A 385 24.45 26.03 -20.45
C PRO A 385 24.34 25.48 -19.03
N THR A 386 23.32 25.90 -18.29
CA THR A 386 23.10 25.33 -16.97
C THR A 386 22.66 23.88 -17.13
N VAL A 387 23.42 22.98 -16.51
CA VAL A 387 23.18 21.54 -16.57
C VAL A 387 22.88 21.02 -15.17
N VAL A 388 21.94 20.08 -15.08
CA VAL A 388 21.71 19.34 -13.85
C VAL A 388 21.91 17.88 -14.23
N ILE A 389 22.76 17.16 -13.50
CA ILE A 389 22.84 15.72 -13.70
C ILE A 389 21.60 15.13 -13.06
N THR A 390 20.66 14.71 -13.89
CA THR A 390 19.34 14.30 -13.40
C THR A 390 19.21 12.81 -13.12
N GLU A 391 20.18 12.00 -13.54
CA GLU A 391 20.29 10.58 -13.17
C GLU A 391 21.73 10.14 -13.30
N ASN A 392 22.17 9.30 -12.37
CA ASN A 392 23.45 8.60 -12.45
C ASN A 392 23.35 7.48 -11.43
N GLY A 393 23.72 6.26 -11.81
CA GLY A 393 23.65 5.13 -10.88
C GLY A 393 23.96 3.83 -11.58
N MET A 394 23.87 2.73 -10.83
CA MET A 394 24.17 1.41 -11.39
C MET A 394 23.34 0.33 -10.70
N ASP A 395 23.26 -0.83 -11.33
CA ASP A 395 22.38 -1.88 -10.82
C ASP A 395 23.05 -3.17 -10.39
N GLN A 396 22.43 -3.78 -9.39
CA GLN A 396 22.71 -5.12 -8.94
C GLN A 396 21.74 -6.11 -9.60
N PRO A 397 22.12 -7.39 -9.67
CA PRO A 397 21.28 -8.42 -10.28
C PRO A 397 20.19 -8.92 -9.35
N ALA A 398 19.32 -9.76 -9.90
CA ALA A 398 18.26 -10.44 -9.16
C ALA A 398 18.82 -11.50 -8.23
N ASN A 399 17.97 -11.97 -7.32
CA ASN A 399 18.19 -13.21 -6.56
C ASN A 399 19.26 -13.16 -5.47
N LEU A 400 19.72 -11.98 -5.12
CA LEU A 400 20.67 -11.86 -4.01
C LEU A 400 19.92 -11.89 -2.68
N SER A 401 20.65 -12.14 -1.61
CA SER A 401 20.07 -12.04 -0.29
C SER A 401 19.95 -10.58 0.12
N ARG A 402 19.15 -10.31 1.13
CA ARG A 402 19.04 -8.96 1.67
C ARG A 402 20.43 -8.39 1.95
N ASP A 403 21.24 -9.13 2.69
CA ASP A 403 22.55 -8.65 3.12
C ASP A 403 23.46 -8.38 1.92
N GLN A 404 23.38 -9.23 0.90
CA GLN A 404 24.14 -9.00 -0.32
C GLN A 404 23.73 -7.70 -1.01
N TYR A 405 22.42 -7.40 -1.04
CA TYR A 405 22.00 -6.10 -1.59
C TYR A 405 22.52 -4.93 -0.78
N LEU A 406 22.53 -5.05 0.54
CA LEU A 406 22.92 -3.93 1.40
C LEU A 406 24.42 -3.64 1.34
N ARG A 407 25.24 -4.67 1.14
CA ARG A 407 26.69 -4.47 1.07
C ARG A 407 27.11 -4.10 -0.35
N ASP A 408 26.61 -2.95 -0.80
CA ASP A 408 26.77 -2.57 -2.20
C ASP A 408 28.04 -1.78 -2.47
N THR A 409 29.16 -2.41 -2.14
CA THR A 409 30.45 -1.75 -2.23
C THR A 409 30.78 -1.28 -3.67
N THR A 410 30.30 -2.00 -4.68
CA THR A 410 30.54 -1.60 -6.07
C THR A 410 29.82 -0.29 -6.38
N ARG A 411 28.63 -0.12 -5.80
CA ARG A 411 27.88 1.12 -5.99
C ARG A 411 28.51 2.29 -5.21
N VAL A 412 29.00 2.02 -3.99
CA VAL A 412 29.77 3.06 -3.28
C VAL A 412 30.95 3.55 -4.13
N HIS A 413 31.72 2.63 -4.69
CA HIS A 413 32.86 2.97 -5.55
C HIS A 413 32.39 3.73 -6.80
N PHE A 414 31.28 3.29 -7.39
CA PHE A 414 30.68 3.96 -8.54
C PHE A 414 30.39 5.45 -8.26
N TYR A 415 29.68 5.73 -7.18
CA TYR A 415 29.35 7.11 -6.85
C TYR A 415 30.58 7.94 -6.51
N ARG A 416 31.50 7.39 -5.71
CA ARG A 416 32.72 8.13 -5.39
C ARG A 416 33.48 8.49 -6.67
N SER A 417 33.63 7.53 -7.58
CA SER A 417 34.40 7.75 -8.80
C SER A 417 33.72 8.71 -9.77
N TYR A 418 32.43 8.50 -10.01
CA TYR A 418 31.72 9.36 -10.93
C TYR A 418 31.60 10.78 -10.38
N LEU A 419 31.37 10.92 -9.07
CA LEU A 419 31.27 12.26 -8.48
C LEU A 419 32.63 12.98 -8.48
N THR A 420 33.72 12.23 -8.35
CA THR A 420 35.05 12.82 -8.46
C THR A 420 35.28 13.36 -9.88
N GLN A 421 34.80 12.63 -10.88
CA GLN A 421 34.92 13.09 -12.26
C GLN A 421 34.01 14.30 -12.55
N LEU A 422 32.81 14.31 -11.97
CA LEU A 422 31.93 15.47 -12.10
C LEU A 422 32.59 16.70 -11.46
N LYS A 423 33.14 16.52 -10.26
CA LYS A 423 33.84 17.59 -9.57
C LYS A 423 34.97 18.16 -10.44
N LYS A 424 35.71 17.27 -11.10
CA LYS A 424 36.78 17.71 -11.99
C LYS A 424 36.24 18.66 -13.07
N ALA A 425 35.12 18.30 -13.68
CA ALA A 425 34.53 19.14 -14.72
C ALA A 425 34.01 20.47 -14.17
N ILE A 426 33.40 20.42 -12.99
CA ILE A 426 32.91 21.64 -12.36
C ILE A 426 34.07 22.56 -11.98
N ASP A 427 35.15 21.99 -11.48
CA ASP A 427 36.30 22.79 -11.08
C ASP A 427 36.95 23.44 -12.31
N GLU A 428 36.75 22.85 -13.49
CA GLU A 428 37.26 23.43 -14.74
C GLU A 428 36.28 24.42 -15.36
N GLY A 429 35.16 24.65 -14.69
CA GLY A 429 34.25 25.73 -15.08
C GLY A 429 32.88 25.33 -15.60
N ALA A 430 32.57 24.03 -15.60
CA ALA A 430 31.26 23.60 -16.10
C ALA A 430 30.12 24.10 -15.20
N ASN A 431 29.08 24.62 -15.83
CA ASN A 431 27.94 25.23 -15.17
C ASN A 431 26.93 24.15 -14.74
N VAL A 432 27.34 23.29 -13.82
CA VAL A 432 26.47 22.23 -13.30
C VAL A 432 25.87 22.68 -11.97
N ALA A 433 24.54 22.63 -11.86
CA ALA A 433 23.83 23.19 -10.71
C ALA A 433 23.38 22.14 -9.69
N GLY A 434 23.39 20.87 -10.09
CA GLY A 434 22.94 19.83 -9.19
C GLY A 434 23.21 18.43 -9.72
N TYR A 435 22.97 17.45 -8.85
CA TYR A 435 23.24 16.05 -9.13
C TYR A 435 22.21 15.18 -8.43
N PHE A 436 21.63 14.25 -9.18
CA PHE A 436 20.59 13.35 -8.66
C PHE A 436 20.93 11.89 -8.94
N ALA A 437 20.89 11.08 -7.88
CA ALA A 437 21.19 9.65 -7.99
C ALA A 437 19.94 8.86 -8.44
N TRP A 438 20.09 8.08 -9.51
CA TRP A 438 19.08 7.08 -9.87
C TRP A 438 19.48 5.77 -9.19
N SER A 439 18.71 5.23 -8.24
CA SER A 439 17.42 5.72 -7.78
C SER A 439 17.42 5.74 -6.25
N LEU A 440 16.47 6.47 -5.67
CA LEU A 440 16.24 6.34 -4.24
C LEU A 440 16.02 4.89 -3.84
N LEU A 441 15.23 4.16 -4.65
CA LEU A 441 14.70 2.83 -4.29
C LEU A 441 14.91 1.85 -5.42
N ASP A 442 15.20 0.60 -5.09
CA ASP A 442 15.02 -0.45 -6.08
C ASP A 442 13.58 -0.36 -6.59
N ASN A 443 13.39 -0.60 -7.89
CA ASN A 443 12.08 -0.35 -8.46
C ASN A 443 11.82 -1.16 -9.73
N PHE A 444 10.73 -0.86 -10.43
CA PHE A 444 10.40 -1.56 -11.67
C PHE A 444 11.24 -1.00 -12.81
N GLU A 445 12.23 -1.77 -13.25
CA GLU A 445 13.17 -1.30 -14.28
C GLU A 445 12.76 -1.73 -15.70
N TRP A 446 11.60 -1.23 -16.13
CA TRP A 446 11.14 -1.39 -17.51
C TRP A 446 11.22 -2.85 -17.97
N LEU A 447 11.92 -3.15 -19.07
CA LEU A 447 11.95 -4.51 -19.60
C LEU A 447 12.54 -5.51 -18.60
N SER A 448 13.40 -5.04 -17.71
CA SER A 448 14.03 -5.90 -16.72
C SER A 448 13.12 -6.16 -15.51
N GLY A 449 12.01 -5.46 -15.42
CA GLY A 449 11.11 -5.64 -14.27
C GLY A 449 11.87 -5.48 -12.97
N TYR A 450 11.67 -6.43 -12.05
CA TYR A 450 12.31 -6.36 -10.72
C TYR A 450 13.63 -7.12 -10.66
N THR A 451 14.18 -7.46 -11.83
CA THR A 451 15.45 -8.19 -11.88
C THR A 451 16.68 -7.29 -11.91
N SER A 452 16.47 -5.97 -11.92
CA SER A 452 17.54 -4.98 -11.91
C SER A 452 17.31 -4.06 -10.72
N LYS A 453 18.30 -3.95 -9.83
CA LYS A 453 18.18 -3.16 -8.61
C LYS A 453 19.10 -1.93 -8.64
N PHE A 454 18.51 -0.75 -8.89
CA PHE A 454 19.27 0.51 -9.02
C PHE A 454 19.28 1.36 -7.75
N GLY A 455 18.57 0.95 -6.71
CA GLY A 455 18.41 1.80 -5.54
C GLY A 455 19.63 1.97 -4.63
N ILE A 456 19.71 3.14 -4.01
CA ILE A 456 20.57 3.27 -2.83
C ILE A 456 19.85 2.72 -1.58
N VAL A 457 18.53 2.52 -1.68
CA VAL A 457 17.73 1.88 -0.63
C VAL A 457 17.16 0.57 -1.21
N TYR A 458 17.40 -0.53 -0.52
CA TYR A 458 16.87 -1.84 -0.89
C TYR A 458 15.37 -1.89 -0.62
N VAL A 459 14.62 -2.45 -1.58
CA VAL A 459 13.21 -2.75 -1.36
C VAL A 459 13.02 -4.26 -1.45
N ASP A 460 12.48 -4.85 -0.39
CA ASP A 460 12.11 -6.26 -0.40
C ASP A 460 10.77 -6.34 -1.14
N PHE A 461 10.76 -6.98 -2.31
CA PHE A 461 9.53 -6.96 -3.10
C PHE A 461 8.47 -7.96 -2.66
N ASN A 462 8.77 -8.75 -1.64
CA ASN A 462 7.75 -9.57 -0.99
C ASN A 462 7.02 -8.79 0.10
N THR A 463 7.78 -8.12 0.95
CA THR A 463 7.21 -7.44 2.11
C THR A 463 7.04 -5.93 1.93
N LEU A 464 7.69 -5.39 0.89
CA LEU A 464 7.80 -3.95 0.58
C LEU A 464 8.61 -3.11 1.57
N GLU A 465 9.27 -3.78 2.52
CA GLU A 465 10.16 -3.09 3.45
C GLU A 465 11.34 -2.39 2.76
N ARG A 466 11.67 -1.20 3.27
CA ARG A 466 12.87 -0.46 2.84
C ARG A 466 14.04 -0.69 3.79
N HIS A 467 15.23 -0.82 3.23
CA HIS A 467 16.46 -0.94 4.03
C HIS A 467 17.56 -0.16 3.31
N PRO A 468 18.07 0.93 3.91
CA PRO A 468 19.20 1.63 3.25
C PRO A 468 20.42 0.74 3.03
N LYS A 469 21.02 0.84 1.84
CA LYS A 469 22.25 0.12 1.52
C LYS A 469 23.46 0.95 1.99
N ALA A 470 24.64 0.35 1.89
CA ALA A 470 25.87 1.07 2.22
C ALA A 470 25.97 2.37 1.44
N SER A 471 25.56 2.36 0.18
CA SER A 471 25.63 3.57 -0.64
C SER A 471 24.75 4.70 -0.10
N ALA A 472 23.62 4.37 0.51
CA ALA A 472 22.78 5.37 1.15
C ALA A 472 23.51 6.03 2.31
N TYR A 473 24.19 5.23 3.12
CA TYR A 473 24.97 5.76 4.24
C TYR A 473 26.20 6.55 3.77
N TRP A 474 26.76 6.14 2.63
CA TRP A 474 27.83 6.91 2.01
C TRP A 474 27.33 8.33 1.68
N PHE A 475 26.16 8.42 1.03
CA PHE A 475 25.60 9.74 0.75
C PHE A 475 25.30 10.52 2.03
N ARG A 476 24.75 9.85 3.04
CA ARG A 476 24.44 10.53 4.29
C ARG A 476 25.70 11.18 4.87
N ASP A 477 26.80 10.42 4.87
CA ASP A 477 28.08 10.91 5.37
C ASP A 477 28.62 12.05 4.49
N MET A 478 28.58 11.85 3.17
CA MET A 478 29.11 12.84 2.25
C MET A 478 28.35 14.16 2.30
N LEU A 479 27.05 14.08 2.51
CA LEU A 479 26.14 15.23 2.37
C LEU A 479 25.81 15.94 3.68
N LYS A 480 26.42 15.52 4.78
CA LYS A 480 26.09 16.12 6.06
C LYS A 480 26.32 17.64 6.00
N HIS A 481 25.36 18.39 6.54
CA HIS A 481 25.39 19.85 6.45
C HIS A 481 26.26 20.45 7.54
N ASN B 10 9.99 -12.08 37.88
CA ASN B 10 10.20 -12.05 36.40
C ASN B 10 8.97 -11.52 35.67
N TRP B 11 9.20 -10.83 34.56
CA TRP B 11 8.11 -10.11 33.88
C TRP B 11 7.06 -11.01 33.25
N LEU B 12 7.39 -12.29 33.06
CA LEU B 12 6.43 -13.27 32.56
C LEU B 12 5.48 -13.80 33.65
N GLY B 13 5.80 -13.54 34.91
CA GLY B 13 4.94 -13.98 36.00
C GLY B 13 4.71 -15.48 36.01
N GLY B 14 5.73 -16.23 35.62
CA GLY B 14 5.64 -17.68 35.60
C GLY B 14 4.91 -18.26 34.40
N LEU B 15 4.49 -17.40 33.48
CA LEU B 15 3.79 -17.86 32.30
C LEU B 15 4.75 -18.29 31.19
N SER B 16 4.34 -19.32 30.46
CA SER B 16 5.06 -19.84 29.32
C SER B 16 4.14 -20.86 28.66
N ARG B 17 4.54 -21.44 27.54
CA ARG B 17 3.71 -22.47 26.93
C ARG B 17 3.54 -23.69 27.85
N ALA B 18 4.54 -23.96 28.69
CA ALA B 18 4.44 -25.05 29.65
C ALA B 18 3.33 -24.85 30.67
N ALA B 19 2.90 -23.60 30.85
CA ALA B 19 1.85 -23.26 31.80
C ALA B 19 0.44 -23.50 31.25
N PHE B 20 0.35 -23.82 29.97
CA PHE B 20 -0.92 -24.06 29.30
C PHE B 20 -0.95 -25.47 28.73
N PRO B 21 -2.16 -25.96 28.40
CA PRO B 21 -2.26 -27.34 27.92
C PRO B 21 -1.42 -27.61 26.68
N LYS B 22 -1.07 -28.88 26.51
CA LYS B 22 -0.35 -29.29 25.32
C LYS B 22 -1.18 -28.92 24.09
N ARG B 23 -0.52 -28.36 23.08
CA ARG B 23 -1.18 -27.97 21.84
C ARG B 23 -2.10 -26.75 21.95
N PHE B 24 -2.07 -26.06 23.09
CA PHE B 24 -2.85 -24.82 23.24
C PHE B 24 -2.40 -23.82 22.18
N VAL B 25 -3.37 -23.18 21.55
CA VAL B 25 -3.12 -22.30 20.42
C VAL B 25 -3.03 -20.83 20.86
N PHE B 26 -1.95 -20.16 20.50
CA PHE B 26 -1.81 -18.71 20.74
C PHE B 26 -1.78 -17.94 19.42
N GLY B 27 -2.58 -16.88 19.34
CA GLY B 27 -2.65 -16.09 18.11
C GLY B 27 -2.85 -14.60 18.34
N THR B 28 -2.89 -13.85 17.24
CA THR B 28 -3.31 -12.46 17.24
C THR B 28 -4.48 -12.33 16.28
N VAL B 29 -5.14 -11.17 16.32
CA VAL B 29 -6.39 -10.98 15.59
C VAL B 29 -6.44 -9.62 14.91
N THR B 30 -7.03 -9.61 13.72
CA THR B 30 -7.46 -8.39 13.06
C THR B 30 -8.84 -8.66 12.43
N SER B 31 -9.41 -7.65 11.79
CA SER B 31 -10.59 -7.84 10.95
C SER B 31 -10.38 -7.05 9.66
N ALA B 32 -11.09 -7.46 8.60
CA ALA B 32 -10.82 -6.96 7.25
C ALA B 32 -10.91 -5.42 7.15
N TYR B 33 -12.05 -4.85 7.53
CA TYR B 33 -12.20 -3.41 7.37
C TYR B 33 -11.24 -2.64 8.28
N GLN B 34 -10.89 -3.23 9.42
CA GLN B 34 -10.03 -2.52 10.36
C GLN B 34 -8.56 -2.46 9.93
N VAL B 35 -8.11 -3.40 9.09
CA VAL B 35 -6.70 -3.42 8.71
C VAL B 35 -6.35 -3.45 7.23
N GLU B 36 -7.23 -3.96 6.38
CA GLU B 36 -6.82 -4.21 4.99
C GLU B 36 -6.47 -2.97 4.20
N GLY B 37 -7.32 -1.96 4.30
CA GLY B 37 -7.28 -0.87 3.32
C GLY B 37 -7.78 -1.35 1.96
N MET B 38 -7.35 -0.65 0.91
CA MET B 38 -7.82 -0.95 -0.44
C MET B 38 -9.34 -1.12 -0.45
N ALA B 39 -10.03 -0.21 0.24
CA ALA B 39 -11.47 -0.38 0.46
C ALA B 39 -12.28 -0.24 -0.83
N ALA B 40 -11.81 0.64 -1.72
CA ALA B 40 -12.51 0.86 -2.99
C ALA B 40 -11.58 0.52 -4.15
N SER B 41 -10.71 -0.45 -3.92
CA SER B 41 -9.74 -0.88 -4.91
C SER B 41 -9.68 -2.41 -4.93
N GLY B 42 -8.96 -2.96 -5.91
CA GLY B 42 -8.86 -4.40 -6.05
C GLY B 42 -10.21 -5.04 -6.34
N GLY B 43 -11.15 -4.26 -6.85
CA GLY B 43 -12.49 -4.75 -7.18
C GLY B 43 -13.48 -4.80 -6.03
N ARG B 44 -13.06 -4.42 -4.82
CA ARG B 44 -13.95 -4.51 -3.66
C ARG B 44 -15.14 -3.57 -3.80
N GLY B 45 -16.33 -4.09 -3.49
CA GLY B 45 -17.55 -3.26 -3.41
C GLY B 45 -17.72 -2.69 -2.00
N PRO B 46 -18.54 -1.64 -1.86
CA PRO B 46 -18.67 -1.03 -0.53
C PRO B 46 -19.45 -1.88 0.46
N SER B 47 -19.08 -1.77 1.73
CA SER B 47 -19.85 -2.32 2.84
C SER B 47 -20.66 -1.21 3.49
N ILE B 48 -21.54 -1.60 4.40
CA ILE B 48 -22.28 -0.61 5.17
C ILE B 48 -21.34 0.28 5.99
N TRP B 49 -20.16 -0.24 6.35
CA TRP B 49 -19.17 0.56 7.09
C TRP B 49 -18.48 1.60 6.20
N ASP B 50 -18.32 1.29 4.92
CA ASP B 50 -17.74 2.29 4.01
C ASP B 50 -18.67 3.49 3.93
N ALA B 51 -19.95 3.23 3.71
CA ALA B 51 -20.93 4.32 3.59
C ALA B 51 -21.02 5.11 4.89
N PHE B 52 -21.05 4.39 6.01
CA PHE B 52 -21.12 5.00 7.33
C PHE B 52 -19.91 5.89 7.61
N ALA B 53 -18.71 5.35 7.39
CA ALA B 53 -17.50 6.09 7.76
C ALA B 53 -17.25 7.29 6.86
N HIS B 54 -17.78 7.26 5.64
CA HIS B 54 -17.62 8.37 4.71
C HIS B 54 -18.63 9.50 4.93
N THR B 55 -19.54 9.33 5.89
CA THR B 55 -20.50 10.38 6.23
C THR B 55 -19.91 11.24 7.34
N PRO B 56 -19.80 12.57 7.10
CA PRO B 56 -19.19 13.43 8.13
C PRO B 56 -19.89 13.29 9.48
N GLY B 57 -19.08 13.25 10.55
CA GLY B 57 -19.59 13.17 11.91
C GLY B 57 -19.73 11.77 12.49
N ASN B 58 -19.73 10.75 11.65
CA ASN B 58 -19.97 9.40 12.14
C ASN B 58 -18.78 8.80 12.89
N VAL B 59 -17.56 9.09 12.43
CA VAL B 59 -16.35 8.54 13.02
C VAL B 59 -15.45 9.67 13.50
N ALA B 60 -14.71 9.43 14.59
CA ALA B 60 -13.75 10.40 15.10
C ALA B 60 -12.88 10.95 13.97
N GLY B 61 -12.78 12.28 13.89
CA GLY B 61 -11.95 12.93 12.89
C GLY B 61 -12.39 12.71 11.45
N ASN B 62 -13.62 12.24 11.26
CA ASN B 62 -14.14 11.87 9.93
C ASN B 62 -13.23 10.88 9.23
N GLN B 63 -12.63 9.99 10.02
CA GLN B 63 -11.71 9.00 9.46
C GLN B 63 -12.46 7.77 8.96
N ASN B 64 -11.76 6.97 8.17
CA ASN B 64 -12.38 5.80 7.55
C ASN B 64 -11.32 4.73 7.33
N GLY B 65 -11.74 3.58 6.82
CA GLY B 65 -10.82 2.47 6.54
C GLY B 65 -10.33 2.39 5.10
N ASP B 66 -10.36 3.49 4.37
CA ASP B 66 -9.91 3.45 2.97
C ASP B 66 -8.52 2.84 2.83
N VAL B 67 -7.60 3.27 3.71
CA VAL B 67 -6.20 2.78 3.71
C VAL B 67 -5.93 1.93 4.95
N ALA B 68 -6.46 2.34 6.10
CA ALA B 68 -6.27 1.59 7.35
C ALA B 68 -4.77 1.30 7.57
N THR B 69 -4.39 0.05 7.82
CA THR B 69 -2.96 -0.28 7.97
C THR B 69 -2.32 -0.72 6.65
N ASP B 70 -3.11 -0.78 5.59
CA ASP B 70 -2.65 -1.24 4.27
C ASP B 70 -2.08 -2.67 4.33
N GLN B 71 -2.69 -3.52 5.16
CA GLN B 71 -2.26 -4.90 5.21
C GLN B 71 -2.42 -5.58 3.84
N TYR B 72 -3.35 -5.07 3.03
CA TYR B 72 -3.54 -5.61 1.67
C TYR B 72 -2.22 -5.68 0.90
N HIS B 73 -1.38 -4.65 1.02
CA HIS B 73 -0.10 -4.63 0.31
C HIS B 73 1.03 -5.20 1.17
N ARG B 74 0.87 -5.15 2.49
CA ARG B 74 1.97 -5.43 3.41
C ARG B 74 1.84 -6.75 4.14
N TYR B 75 0.93 -7.61 3.71
CA TYR B 75 0.61 -8.80 4.50
C TYR B 75 1.81 -9.69 4.80
N LYS B 76 2.78 -9.79 3.88
CA LYS B 76 3.94 -10.63 4.16
C LYS B 76 4.82 -10.05 5.27
N GLU B 77 4.92 -8.72 5.33
CA GLU B 77 5.59 -8.09 6.46
C GLU B 77 4.90 -8.48 7.77
N ASP B 78 3.57 -8.39 7.78
CA ASP B 78 2.84 -8.65 9.01
C ASP B 78 2.89 -10.14 9.43
N VAL B 79 2.83 -11.05 8.45
CA VAL B 79 2.97 -12.47 8.76
C VAL B 79 4.39 -12.78 9.27
N ASN B 80 5.39 -12.19 8.65
CA ASN B 80 6.76 -12.36 9.16
C ASN B 80 6.86 -11.90 10.60
N LEU B 81 6.22 -10.78 10.92
CA LEU B 81 6.26 -10.24 12.27
C LEU B 81 5.60 -11.19 13.26
N MET B 82 4.39 -11.66 12.94
CA MET B 82 3.71 -12.54 13.90
C MET B 82 4.50 -13.83 14.12
N LYS B 83 5.14 -14.34 13.07
CA LYS B 83 5.97 -15.53 13.23
C LYS B 83 7.17 -15.24 14.14
N SER B 84 7.77 -14.07 13.97
CA SER B 84 8.93 -13.68 14.78
C SER B 84 8.57 -13.52 16.26
N LEU B 85 7.29 -13.29 16.54
CA LEU B 85 6.81 -13.10 17.90
C LEU B 85 6.33 -14.43 18.51
N ASN B 86 6.54 -15.52 17.78
CA ASN B 86 6.27 -16.89 18.27
C ASN B 86 4.79 -17.28 18.37
N PHE B 87 3.92 -16.56 17.67
CA PHE B 87 2.52 -17.00 17.59
C PHE B 87 2.34 -18.24 16.70
N ASP B 88 1.26 -18.99 16.95
CA ASP B 88 0.92 -20.21 16.23
C ASP B 88 -0.14 -20.00 15.17
N ALA B 89 -0.94 -18.94 15.33
CA ALA B 89 -2.18 -18.81 14.58
C ALA B 89 -2.50 -17.34 14.38
N TYR B 90 -3.33 -17.07 13.38
CA TYR B 90 -3.77 -15.71 13.07
C TYR B 90 -5.26 -15.75 12.78
N ARG B 91 -6.03 -14.97 13.54
CA ARG B 91 -7.46 -14.82 13.27
C ARG B 91 -7.66 -13.55 12.45
N PHE B 92 -8.28 -13.69 11.29
CA PHE B 92 -8.56 -12.55 10.41
C PHE B 92 -9.90 -12.82 9.75
N SER B 93 -10.45 -11.82 9.07
CA SER B 93 -11.72 -12.02 8.39
C SER B 93 -11.63 -11.79 6.89
N ILE B 94 -12.55 -12.45 6.18
CA ILE B 94 -12.73 -12.22 4.75
C ILE B 94 -13.83 -11.17 4.57
N SER B 95 -13.52 -10.14 3.79
CA SER B 95 -14.53 -9.13 3.45
C SER B 95 -15.48 -9.67 2.37
N TRP B 96 -16.74 -9.83 2.76
CA TRP B 96 -17.77 -10.36 1.86
C TRP B 96 -17.80 -9.56 0.56
N SER B 97 -17.77 -8.24 0.67
CA SER B 97 -17.85 -7.39 -0.52
C SER B 97 -16.55 -7.31 -1.32
N ARG B 98 -15.45 -7.84 -0.79
CA ARG B 98 -14.24 -8.00 -1.60
C ARG B 98 -14.37 -9.25 -2.48
N ILE B 99 -15.12 -10.26 -2.03
CA ILE B 99 -15.38 -11.47 -2.81
C ILE B 99 -16.55 -11.30 -3.76
N PHE B 100 -17.68 -10.84 -3.22
CA PHE B 100 -18.87 -10.55 -4.01
C PHE B 100 -19.19 -9.07 -3.86
N PRO B 101 -18.77 -8.22 -4.82
CA PRO B 101 -18.97 -6.79 -4.62
C PRO B 101 -20.43 -6.40 -4.35
N ASP B 102 -21.38 -7.15 -4.91
CA ASP B 102 -22.80 -6.89 -4.70
C ASP B 102 -23.43 -7.82 -3.64
N GLY B 103 -22.60 -8.65 -3.02
CA GLY B 103 -23.05 -9.57 -1.97
C GLY B 103 -23.60 -10.89 -2.48
N GLU B 104 -23.83 -10.95 -3.79
CA GLU B 104 -24.41 -12.10 -4.47
C GLU B 104 -24.02 -11.94 -5.94
N GLY B 105 -24.08 -13.02 -6.71
CA GLY B 105 -23.76 -12.93 -8.13
C GLY B 105 -22.28 -13.00 -8.46
N ARG B 106 -21.78 -11.95 -9.11
CA ARG B 106 -20.43 -11.93 -9.68
C ARG B 106 -19.32 -12.02 -8.64
N VAL B 107 -18.36 -12.91 -8.88
CA VAL B 107 -17.18 -13.07 -8.04
C VAL B 107 -16.07 -12.14 -8.53
N ASN B 108 -15.45 -11.43 -7.59
CA ASN B 108 -14.29 -10.58 -7.86
C ASN B 108 -13.02 -11.42 -7.73
N GLN B 109 -12.48 -11.88 -8.85
CA GLN B 109 -11.33 -12.79 -8.81
C GLN B 109 -10.10 -12.20 -8.14
N GLU B 110 -9.90 -10.89 -8.28
CA GLU B 110 -8.75 -10.24 -7.65
C GLU B 110 -8.84 -10.36 -6.13
N GLY B 111 -10.07 -10.27 -5.61
CA GLY B 111 -10.31 -10.40 -4.16
C GLY B 111 -10.03 -11.81 -3.69
N VAL B 112 -10.52 -12.79 -4.43
CA VAL B 112 -10.20 -14.20 -4.15
C VAL B 112 -8.68 -14.44 -4.12
N ALA B 113 -7.98 -13.84 -5.07
CA ALA B 113 -6.53 -14.00 -5.15
C ALA B 113 -5.82 -13.46 -3.91
N TYR B 114 -6.30 -12.31 -3.40
CA TYR B 114 -5.71 -11.76 -2.17
C TYR B 114 -5.79 -12.78 -1.03
N TYR B 115 -6.98 -13.31 -0.77
CA TYR B 115 -7.10 -14.24 0.34
C TYR B 115 -6.33 -15.54 0.11
N ASN B 116 -6.30 -16.01 -1.14
CA ASN B 116 -5.45 -17.15 -1.45
C ASN B 116 -3.98 -16.88 -1.12
N ASN B 117 -3.51 -15.69 -1.49
CA ASN B 117 -2.12 -15.32 -1.24
C ASN B 117 -1.82 -15.21 0.25
N LEU B 118 -2.74 -14.62 0.99
CA LEU B 118 -2.59 -14.49 2.45
C LEU B 118 -2.58 -15.88 3.13
N ILE B 119 -3.57 -16.69 2.81
CA ILE B 119 -3.69 -18.04 3.38
C ILE B 119 -2.45 -18.85 3.06
N ASN B 120 -2.03 -18.83 1.79
CA ASN B 120 -0.86 -19.61 1.41
C ASN B 120 0.40 -19.14 2.11
N TYR B 121 0.54 -17.84 2.28
CA TYR B 121 1.74 -17.34 2.98
C TYR B 121 1.73 -17.69 4.47
N LEU B 122 0.58 -17.57 5.13
CA LEU B 122 0.45 -18.01 6.51
C LEU B 122 0.90 -19.46 6.64
N LEU B 123 0.37 -20.32 5.79
CA LEU B 123 0.71 -21.74 5.88
C LEU B 123 2.20 -21.99 5.60
N GLN B 124 2.75 -21.29 4.60
CA GLN B 124 4.18 -21.40 4.30
C GLN B 124 5.03 -21.05 5.53
N LYS B 125 4.56 -20.09 6.33
CA LYS B 125 5.29 -19.61 7.50
C LYS B 125 4.90 -20.34 8.80
N GLY B 126 4.08 -21.37 8.69
CA GLY B 126 3.71 -22.19 9.85
C GLY B 126 2.71 -21.54 10.79
N ILE B 127 1.91 -20.63 10.26
CA ILE B 127 0.87 -19.95 11.05
C ILE B 127 -0.51 -20.46 10.62
N THR B 128 -1.30 -20.94 11.56
CA THR B 128 -2.62 -21.53 11.24
C THR B 128 -3.66 -20.43 11.03
N PRO B 129 -4.34 -20.42 9.87
CA PRO B 129 -5.40 -19.42 9.65
C PRO B 129 -6.71 -19.78 10.39
N TYR B 130 -7.22 -18.82 11.16
CA TYR B 130 -8.55 -18.93 11.79
C TYR B 130 -9.36 -17.83 11.13
N VAL B 131 -10.39 -18.21 10.38
CA VAL B 131 -10.99 -17.28 9.42
C VAL B 131 -12.44 -16.97 9.74
N ASN B 132 -12.71 -15.70 10.03
CA ASN B 132 -14.08 -15.20 10.14
C ASN B 132 -14.67 -14.86 8.79
N LEU B 133 -15.90 -15.29 8.54
CA LEU B 133 -16.58 -14.93 7.29
C LEU B 133 -17.18 -13.53 7.33
N TYR B 134 -17.49 -13.05 8.53
CA TYR B 134 -18.21 -11.79 8.67
C TYR B 134 -17.72 -11.05 9.89
N HIS B 135 -17.41 -9.77 9.73
CA HIS B 135 -16.98 -8.92 10.85
C HIS B 135 -17.52 -7.50 10.64
N TYR B 136 -18.86 -7.38 10.73
CA TYR B 136 -19.62 -6.12 10.64
C TYR B 136 -19.83 -5.58 9.24
N ASP B 137 -19.12 -6.14 8.28
CA ASP B 137 -18.96 -5.52 6.96
C ASP B 137 -19.94 -6.05 5.91
N LEU B 138 -21.23 -5.99 6.21
CA LEU B 138 -22.26 -6.39 5.24
C LEU B 138 -22.13 -5.59 3.92
N PRO B 139 -22.14 -6.28 2.76
CA PRO B 139 -22.15 -5.54 1.51
C PRO B 139 -23.29 -4.53 1.46
N LEU B 140 -22.97 -3.30 1.08
CA LEU B 140 -23.96 -2.22 1.02
C LEU B 140 -25.14 -2.60 0.11
N ALA B 141 -24.85 -3.31 -0.97
CA ALA B 141 -25.90 -3.70 -1.90
C ALA B 141 -26.97 -4.57 -1.22
N LEU B 142 -26.55 -5.42 -0.27
CA LEU B 142 -27.51 -6.28 0.44
C LEU B 142 -28.34 -5.50 1.46
N GLU B 143 -27.73 -4.49 2.09
CA GLU B 143 -28.47 -3.62 2.97
C GLU B 143 -29.59 -2.92 2.18
N LYS B 144 -29.23 -2.37 1.02
CA LYS B 144 -30.19 -1.60 0.22
C LYS B 144 -31.28 -2.48 -0.41
N LYS B 145 -30.89 -3.64 -0.93
CA LYS B 145 -31.81 -4.50 -1.66
C LYS B 145 -32.72 -5.31 -0.75
N TYR B 146 -32.18 -5.81 0.36
CA TYR B 146 -32.90 -6.76 1.21
C TYR B 146 -33.24 -6.23 2.60
N GLY B 147 -32.61 -5.13 3.00
CA GLY B 147 -32.76 -4.64 4.37
C GLY B 147 -31.86 -5.35 5.36
N GLY B 148 -30.81 -5.99 4.86
CA GLY B 148 -29.81 -6.58 5.76
C GLY B 148 -30.40 -7.57 6.75
N TRP B 149 -29.90 -7.51 7.99
CA TRP B 149 -30.20 -8.55 8.99
C TRP B 149 -31.65 -8.55 9.50
N LEU B 150 -32.45 -7.58 9.05
CA LEU B 150 -33.88 -7.61 9.34
C LEU B 150 -34.59 -8.65 8.49
N ASN B 151 -33.96 -9.07 7.39
CA ASN B 151 -34.58 -9.99 6.43
C ASN B 151 -34.14 -11.43 6.62
N ALA B 152 -35.10 -12.33 6.82
CA ALA B 152 -34.81 -13.75 6.97
C ALA B 152 -34.07 -14.34 5.77
N LYS B 153 -34.18 -13.69 4.62
CA LYS B 153 -33.47 -14.10 3.42
C LYS B 153 -31.94 -14.09 3.59
N MET B 154 -31.46 -13.38 4.62
CA MET B 154 -30.03 -13.37 4.91
C MET B 154 -29.48 -14.76 5.13
N ALA B 155 -30.29 -15.69 5.64
CA ALA B 155 -29.80 -17.05 5.82
C ALA B 155 -29.34 -17.66 4.50
N ASP B 156 -30.16 -17.52 3.46
CA ASP B 156 -29.81 -18.01 2.12
C ASP B 156 -28.60 -17.26 1.55
N LEU B 157 -28.62 -15.94 1.67
CA LEU B 157 -27.55 -15.10 1.10
C LEU B 157 -26.21 -15.41 1.77
N PHE B 158 -26.23 -15.52 3.09
CA PHE B 158 -25.01 -15.83 3.84
C PHE B 158 -24.53 -17.24 3.55
N THR B 159 -25.46 -18.19 3.45
CA THR B 159 -25.07 -19.56 3.17
C THR B 159 -24.40 -19.67 1.81
N GLU B 160 -24.87 -18.95 0.81
CA GLU B 160 -24.26 -19.04 -0.50
C GLU B 160 -22.84 -18.45 -0.52
N TYR B 161 -22.65 -17.36 0.21
CA TYR B 161 -21.32 -16.76 0.39
C TYR B 161 -20.39 -17.72 1.14
N ALA B 162 -20.89 -18.29 2.23
CA ALA B 162 -20.11 -19.26 3.01
C ALA B 162 -19.72 -20.46 2.17
N ASP B 163 -20.69 -20.98 1.41
CA ASP B 163 -20.43 -22.11 0.50
C ASP B 163 -19.27 -21.80 -0.44
N PHE B 164 -19.29 -20.61 -1.05
CA PHE B 164 -18.19 -20.23 -1.94
C PHE B 164 -16.86 -20.23 -1.21
N CYS B 165 -16.84 -19.69 0.01
CA CYS B 165 -15.60 -19.65 0.77
C CYS B 165 -15.11 -21.05 1.16
N PHE B 166 -16.03 -21.92 1.56
CA PHE B 166 -15.66 -23.29 1.89
C PHE B 166 -15.05 -23.99 0.66
N LYS B 167 -15.71 -23.87 -0.48
CA LYS B 167 -15.23 -24.48 -1.71
C LYS B 167 -13.84 -23.97 -2.10
N THR B 168 -13.66 -22.66 -1.98
CA THR B 168 -12.51 -21.99 -2.55
C THR B 168 -11.28 -22.06 -1.63
N PHE B 169 -11.50 -22.02 -0.32
CA PHE B 169 -10.39 -21.95 0.63
C PHE B 169 -10.31 -23.13 1.58
N GLY B 170 -11.38 -23.93 1.64
CA GLY B 170 -11.52 -24.96 2.69
C GLY B 170 -10.60 -26.16 2.59
N ASN B 171 -9.96 -26.36 1.44
CA ASN B 171 -8.91 -27.38 1.37
C ASN B 171 -7.69 -27.01 2.21
N ARG B 172 -7.57 -25.71 2.51
CA ARG B 172 -6.45 -25.20 3.30
C ARG B 172 -6.89 -24.67 4.67
N VAL B 173 -8.02 -23.96 4.71
CA VAL B 173 -8.55 -23.42 5.97
C VAL B 173 -9.39 -24.48 6.67
N LYS B 174 -9.03 -24.79 7.92
CA LYS B 174 -9.71 -25.82 8.70
C LYS B 174 -10.39 -25.28 9.95
N HIS B 175 -10.23 -23.98 10.20
CA HIS B 175 -10.83 -23.35 11.39
C HIS B 175 -11.58 -22.12 10.96
N TRP B 176 -12.91 -22.21 10.93
CA TRP B 176 -13.77 -21.11 10.50
C TRP B 176 -14.59 -20.55 11.65
N PHE B 177 -15.00 -19.29 11.50
CA PHE B 177 -16.05 -18.70 12.32
C PHE B 177 -17.00 -18.02 11.36
N THR B 178 -18.30 -18.03 11.67
CA THR B 178 -19.28 -17.34 10.85
C THR B 178 -19.27 -15.85 11.18
N PHE B 179 -19.76 -15.50 12.36
CA PHE B 179 -19.99 -14.11 12.73
C PHE B 179 -19.10 -13.64 13.87
N ASN B 180 -19.01 -12.32 14.01
CA ASN B 180 -18.31 -11.67 15.11
C ASN B 180 -19.26 -10.75 15.88
N GLN B 181 -19.49 -11.08 17.14
CA GLN B 181 -20.26 -10.21 18.04
C GLN B 181 -21.63 -9.78 17.51
N PRO B 182 -22.48 -10.75 17.16
CA PRO B 182 -23.83 -10.39 16.74
C PRO B 182 -24.57 -9.56 17.80
N ARG B 183 -24.24 -9.75 19.08
CA ARG B 183 -24.87 -8.91 20.12
C ARG B 183 -24.59 -7.43 19.88
N ILE B 184 -23.37 -7.10 19.49
CA ILE B 184 -22.99 -5.71 19.27
C ILE B 184 -23.64 -5.14 18.01
N VAL B 185 -23.76 -5.94 16.95
CA VAL B 185 -24.51 -5.52 15.78
C VAL B 185 -25.96 -5.22 16.16
N ALA B 186 -26.58 -6.12 16.91
CA ALA B 186 -27.97 -5.90 17.36
C ALA B 186 -28.07 -4.65 18.26
N LEU B 187 -27.18 -4.54 19.24
CA LEU B 187 -27.22 -3.44 20.19
C LEU B 187 -26.94 -2.10 19.52
N LEU B 188 -25.79 -1.98 18.87
CA LEU B 188 -25.39 -0.68 18.35
C LEU B 188 -26.05 -0.34 17.02
N GLY B 189 -26.34 -1.35 16.21
CA GLY B 189 -26.95 -1.11 14.92
C GLY B 189 -28.44 -0.91 14.95
N TYR B 190 -29.11 -1.46 15.97
CA TYR B 190 -30.57 -1.55 15.98
C TYR B 190 -31.27 -1.14 17.28
N ASP B 191 -30.51 -1.01 18.38
CA ASP B 191 -31.07 -0.54 19.65
C ASP B 191 -30.65 0.93 19.83
N GLN B 192 -29.35 1.17 19.96
CA GLN B 192 -28.84 2.53 20.16
C GLN B 192 -28.71 3.31 18.85
N GLY B 193 -28.51 2.61 17.74
CA GLY B 193 -28.42 3.26 16.45
C GLY B 193 -27.14 4.05 16.22
N THR B 194 -26.05 3.63 16.86
CA THR B 194 -24.76 4.33 16.74
C THR B 194 -23.78 3.62 15.80
N ASN B 195 -24.10 2.39 15.37
CA ASN B 195 -23.33 1.72 14.32
C ASN B 195 -24.27 1.52 13.12
N PRO B 196 -23.71 1.31 11.91
CA PRO B 196 -24.62 1.08 10.78
C PRO B 196 -25.48 -0.17 11.03
N PRO B 197 -26.76 -0.16 10.61
CA PRO B 197 -27.44 0.83 9.76
C PRO B 197 -28.03 2.05 10.49
N LYS B 198 -27.62 2.29 11.74
CA LYS B 198 -28.08 3.48 12.50
C LYS B 198 -29.59 3.48 12.68
N ARG B 199 -30.13 2.34 13.07
CA ARG B 199 -31.56 2.23 13.30
C ARG B 199 -31.86 2.21 14.79
N CYS B 200 -32.99 2.84 15.15
CA CYS B 200 -33.43 2.92 16.53
C CYS B 200 -34.78 3.63 16.52
N THR B 201 -35.46 3.63 17.66
CA THR B 201 -36.78 4.24 17.73
C THR B 201 -36.78 5.70 17.28
N LYS B 202 -35.81 6.48 17.73
CA LYS B 202 -35.77 7.92 17.38
C LYS B 202 -35.01 8.23 16.08
N CYS B 203 -34.40 7.22 15.48
CA CYS B 203 -33.42 7.41 14.40
C CYS B 203 -33.97 7.84 13.02
N ALA B 204 -33.19 8.67 12.33
CA ALA B 204 -33.54 9.16 11.00
C ALA B 204 -33.76 8.03 9.99
N ALA B 205 -32.97 6.97 10.12
CA ALA B 205 -33.07 5.84 9.21
C ALA B 205 -34.31 4.98 9.46
N GLY B 206 -34.99 5.25 10.57
CA GLY B 206 -36.11 4.42 11.00
C GLY B 206 -35.66 3.43 12.05
N GLY B 207 -36.58 2.54 12.46
CA GLY B 207 -36.24 1.50 13.42
C GLY B 207 -37.17 1.40 14.61
N ASN B 208 -36.83 0.47 15.50
CA ASN B 208 -37.62 0.19 16.69
C ASN B 208 -36.70 -0.56 17.65
N SER B 209 -36.23 0.13 18.67
CA SER B 209 -35.24 -0.41 19.59
C SER B 209 -35.76 -1.58 20.42
N ALA B 210 -37.09 -1.72 20.49
CA ALA B 210 -37.71 -2.79 21.28
C ALA B 210 -37.91 -4.09 20.50
N THR B 211 -37.88 -4.02 19.18
CA THR B 211 -38.16 -5.20 18.36
C THR B 211 -36.99 -5.62 17.46
N GLU B 212 -36.35 -4.66 16.82
CA GLU B 212 -35.34 -4.97 15.80
C GLU B 212 -34.10 -5.71 16.31
N PRO B 213 -33.59 -5.37 17.50
CA PRO B 213 -32.45 -6.14 17.98
C PRO B 213 -32.74 -7.64 18.05
N TYR B 214 -33.96 -8.00 18.43
CA TYR B 214 -34.34 -9.41 18.54
C TYR B 214 -34.50 -10.09 17.18
N ILE B 215 -35.04 -9.37 16.21
CA ILE B 215 -35.16 -9.89 14.86
C ILE B 215 -33.77 -10.17 14.28
N VAL B 216 -32.87 -9.20 14.45
CA VAL B 216 -31.50 -9.30 13.94
C VAL B 216 -30.73 -10.47 14.58
N ALA B 217 -30.79 -10.60 15.91
CA ALA B 217 -30.13 -11.73 16.57
C ALA B 217 -30.67 -13.07 16.06
N HIS B 218 -31.98 -13.15 15.88
CA HIS B 218 -32.61 -14.37 15.40
C HIS B 218 -32.07 -14.73 14.03
N ASN B 219 -31.96 -13.72 13.16
CA ASN B 219 -31.47 -13.99 11.81
C ASN B 219 -29.99 -14.36 11.79
N PHE B 220 -29.18 -13.80 12.70
CA PHE B 220 -27.79 -14.24 12.80
C PHE B 220 -27.73 -15.72 13.20
N LEU B 221 -28.54 -16.11 14.19
CA LEU B 221 -28.55 -17.51 14.63
C LEU B 221 -29.00 -18.47 13.52
N LEU B 222 -30.07 -18.11 12.81
CA LEU B 222 -30.57 -18.95 11.73
C LEU B 222 -29.56 -19.01 10.58
N SER B 223 -28.89 -17.90 10.30
CA SER B 223 -27.89 -17.86 9.24
C SER B 223 -26.66 -18.68 9.58
N HIS B 224 -26.21 -18.57 10.83
CA HIS B 224 -25.12 -19.40 11.29
C HIS B 224 -25.47 -20.88 11.11
N ALA B 225 -26.66 -21.26 11.54
CA ALA B 225 -27.06 -22.66 11.50
C ALA B 225 -27.14 -23.19 10.08
N ALA B 226 -27.67 -22.35 9.16
CA ALA B 226 -27.74 -22.74 7.76
C ALA B 226 -26.36 -22.92 7.14
N ALA B 227 -25.43 -22.02 7.45
CA ALA B 227 -24.08 -22.11 6.90
C ALA B 227 -23.36 -23.35 7.41
N VAL B 228 -23.54 -23.66 8.69
CA VAL B 228 -22.93 -24.85 9.26
C VAL B 228 -23.57 -26.13 8.68
N ALA B 229 -24.88 -26.14 8.50
CA ALA B 229 -25.52 -27.31 7.87
C ALA B 229 -24.94 -27.55 6.46
N ARG B 230 -24.73 -26.46 5.71
CA ARG B 230 -24.09 -26.58 4.40
C ARG B 230 -22.68 -27.14 4.50
N TYR B 231 -21.89 -26.61 5.45
CA TYR B 231 -20.54 -27.13 5.64
C TYR B 231 -20.59 -28.63 5.90
N ARG B 232 -21.42 -29.04 6.86
CA ARG B 232 -21.44 -30.43 7.31
C ARG B 232 -21.94 -31.39 6.24
N THR B 233 -22.90 -30.95 5.45
CA THR B 233 -23.49 -31.84 4.44
C THR B 233 -22.70 -31.89 3.14
N LYS B 234 -21.98 -30.83 2.80
CA LYS B 234 -21.32 -30.74 1.50
C LYS B 234 -19.78 -30.79 1.54
N TYR B 235 -19.18 -30.22 2.58
CA TYR B 235 -17.72 -30.00 2.58
C TYR B 235 -16.94 -30.76 3.64
N GLN B 236 -17.58 -31.11 4.75
CA GLN B 236 -16.86 -31.65 5.90
C GLN B 236 -16.18 -32.98 5.63
N ALA B 237 -16.83 -33.86 4.88
CA ALA B 237 -16.24 -35.18 4.65
C ALA B 237 -14.86 -35.07 4.01
N ALA B 238 -14.75 -34.20 3.01
CA ALA B 238 -13.48 -34.01 2.30
C ALA B 238 -12.53 -33.13 3.09
N GLN B 239 -13.05 -32.04 3.65
CA GLN B 239 -12.18 -31.00 4.22
C GLN B 239 -11.81 -31.23 5.69
N GLN B 240 -12.71 -31.82 6.44
CA GLN B 240 -12.43 -32.23 7.82
C GLN B 240 -11.98 -31.07 8.69
N GLY B 241 -12.65 -29.94 8.51
CA GLY B 241 -12.45 -28.76 9.36
C GLY B 241 -13.61 -28.52 10.32
N LYS B 242 -13.65 -27.32 10.86
CA LYS B 242 -14.60 -26.96 11.92
C LYS B 242 -15.11 -25.55 11.70
N VAL B 243 -16.31 -25.28 12.20
CA VAL B 243 -16.92 -23.96 12.10
C VAL B 243 -17.51 -23.57 13.45
N GLY B 244 -17.14 -22.39 13.94
CA GLY B 244 -17.72 -21.84 15.17
C GLY B 244 -18.30 -20.45 14.94
N ILE B 245 -18.45 -19.71 16.04
CA ILE B 245 -19.02 -18.36 16.02
C ILE B 245 -18.34 -17.59 17.14
N VAL B 246 -18.22 -16.27 16.98
CA VAL B 246 -17.56 -15.43 17.98
C VAL B 246 -18.58 -14.54 18.68
N LEU B 247 -18.62 -14.63 20.01
CA LEU B 247 -19.59 -13.91 20.84
C LEU B 247 -18.84 -13.07 21.86
N ASP B 248 -19.26 -11.81 22.05
CA ASP B 248 -18.71 -11.03 23.15
C ASP B 248 -19.32 -11.44 24.47
N PHE B 249 -18.49 -11.47 25.51
CA PHE B 249 -18.96 -11.74 26.86
C PHE B 249 -18.12 -10.93 27.81
N ASN B 250 -18.72 -9.90 28.39
CA ASN B 250 -18.10 -9.24 29.54
C ASN B 250 -18.77 -9.72 30.81
N TRP B 251 -17.99 -9.81 31.87
CA TRP B 251 -18.49 -10.43 33.09
C TRP B 251 -19.43 -9.48 33.84
N TYR B 252 -20.42 -10.07 34.51
CA TYR B 252 -21.29 -9.33 35.42
C TYR B 252 -21.16 -9.96 36.81
N GLU B 253 -20.89 -9.10 37.80
CA GLU B 253 -20.73 -9.52 39.18
C GLU B 253 -21.77 -8.82 40.04
N ALA B 254 -22.51 -9.59 40.84
CA ALA B 254 -23.50 -9.00 41.73
C ALA B 254 -22.86 -7.98 42.67
N LEU B 255 -23.54 -6.86 42.87
CA LEU B 255 -23.03 -5.80 43.74
C LEU B 255 -22.94 -6.27 45.19
N SER B 256 -23.88 -7.12 45.57
CA SER B 256 -23.93 -7.70 46.91
C SER B 256 -24.46 -9.11 46.81
N ASN B 257 -24.49 -9.82 47.94
CA ASN B 257 -25.01 -11.18 47.95
C ASN B 257 -26.52 -11.24 48.14
N SER B 258 -27.20 -10.09 48.03
CA SER B 258 -28.67 -10.09 48.13
C SER B 258 -29.30 -10.89 47.00
N THR B 259 -30.48 -11.45 47.26
CA THR B 259 -31.21 -12.20 46.25
C THR B 259 -31.41 -11.35 45.00
N GLU B 260 -31.76 -10.09 45.21
CA GLU B 260 -32.05 -9.17 44.13
C GLU B 260 -30.82 -8.82 43.28
N ASP B 261 -29.67 -8.61 43.91
CA ASP B 261 -28.45 -8.30 43.16
C ASP B 261 -27.93 -9.54 42.44
N GLN B 262 -27.98 -10.71 43.09
CA GLN B 262 -27.55 -11.93 42.42
C GLN B 262 -28.43 -12.21 41.21
N ALA B 263 -29.73 -11.98 41.35
CA ALA B 263 -30.65 -12.17 40.23
C ALA B 263 -30.35 -11.21 39.09
N ALA B 264 -30.00 -9.97 39.43
CA ALA B 264 -29.67 -8.97 38.40
C ALA B 264 -28.43 -9.38 37.60
N ALA B 265 -27.40 -9.81 38.31
CA ALA B 265 -26.18 -10.23 37.63
C ALA B 265 -26.47 -11.39 36.69
N GLN B 266 -27.31 -12.32 37.13
CA GLN B 266 -27.62 -13.48 36.30
C GLN B 266 -28.49 -13.10 35.09
N ARG B 267 -29.44 -12.17 35.29
CA ARG B 267 -30.26 -11.65 34.19
C ARG B 267 -29.36 -11.02 33.13
N ALA B 268 -28.39 -10.23 33.59
CA ALA B 268 -27.44 -9.59 32.68
C ALA B 268 -26.67 -10.63 31.87
N ARG B 269 -26.19 -11.67 32.54
CA ARG B 269 -25.46 -12.73 31.83
C ARG B 269 -26.36 -13.37 30.78
N ASP B 270 -27.61 -13.65 31.15
CA ASP B 270 -28.55 -14.27 30.20
C ASP B 270 -28.88 -13.39 28.97
N PHE B 271 -29.07 -12.09 29.19
CA PHE B 271 -29.37 -11.16 28.09
C PHE B 271 -28.14 -10.86 27.24
N HIS B 272 -26.95 -11.08 27.81
CA HIS B 272 -25.69 -10.77 27.12
C HIS B 272 -25.15 -11.96 26.33
N ILE B 273 -24.81 -13.04 27.02
CA ILE B 273 -24.26 -14.23 26.39
C ILE B 273 -25.31 -15.34 26.20
N GLY B 274 -26.21 -15.51 27.16
CA GLY B 274 -27.25 -16.54 27.05
C GLY B 274 -28.11 -16.41 25.81
N TRP B 275 -28.34 -15.15 25.41
CA TRP B 275 -29.09 -14.84 24.20
C TRP B 275 -28.66 -15.68 23.01
N TYR B 276 -27.34 -15.92 22.90
CA TYR B 276 -26.79 -16.76 21.83
C TYR B 276 -26.40 -18.16 22.27
N LEU B 277 -25.88 -18.30 23.49
CA LEU B 277 -25.39 -19.62 23.93
C LEU B 277 -26.51 -20.59 24.28
N ASP B 278 -27.61 -20.12 24.83
CA ASP B 278 -28.69 -21.05 25.09
C ASP B 278 -29.24 -21.64 23.79
N PRO B 279 -29.47 -20.81 22.76
CA PRO B 279 -29.81 -21.44 21.47
C PRO B 279 -28.74 -22.41 20.95
N LEU B 280 -27.48 -22.00 20.93
CA LEU B 280 -26.42 -22.80 20.32
C LEU B 280 -26.12 -24.10 21.07
N ILE B 281 -26.28 -24.07 22.39
CA ILE B 281 -25.97 -25.25 23.21
C ILE B 281 -27.22 -26.04 23.59
N ASN B 282 -28.29 -25.33 23.92
CA ASN B 282 -29.49 -25.96 24.47
C ASN B 282 -30.72 -25.94 23.55
N GLY B 283 -30.65 -25.22 22.44
CA GLY B 283 -31.77 -25.16 21.50
C GLY B 283 -32.97 -24.31 21.93
N HIS B 284 -32.75 -23.33 22.79
CA HIS B 284 -33.81 -22.38 23.15
C HIS B 284 -33.20 -21.08 23.68
N TYR B 285 -33.97 -20.00 23.62
CA TYR B 285 -33.55 -18.75 24.26
C TYR B 285 -33.60 -18.87 25.78
N PRO B 286 -32.82 -18.05 26.50
CA PRO B 286 -32.92 -18.09 27.96
C PRO B 286 -34.35 -17.90 28.44
N GLN B 287 -34.72 -18.62 29.50
CA GLN B 287 -36.08 -18.52 30.04
C GLN B 287 -36.42 -17.09 30.43
N ILE B 288 -35.47 -16.38 31.04
CA ILE B 288 -35.76 -15.01 31.49
C ILE B 288 -36.07 -14.09 30.31
N MET B 289 -35.41 -14.32 29.18
CA MET B 289 -35.72 -13.54 27.99
C MET B 289 -37.10 -13.87 27.45
N GLN B 290 -37.46 -15.16 27.43
CA GLN B 290 -38.81 -15.54 27.03
C GLN B 290 -39.84 -14.88 27.95
N ASP B 291 -39.56 -14.89 29.24
CA ASP B 291 -40.51 -14.35 30.24
C ASP B 291 -40.69 -12.85 30.15
N LEU B 292 -39.61 -12.12 29.88
CA LEU B 292 -39.67 -10.65 29.92
C LEU B 292 -39.92 -10.03 28.55
N VAL B 293 -39.36 -10.64 27.51
CA VAL B 293 -39.46 -10.07 26.17
C VAL B 293 -40.72 -10.56 25.44
N LYS B 294 -41.20 -11.74 25.82
CA LYS B 294 -42.50 -12.24 25.39
C LYS B 294 -42.63 -12.26 23.86
N ASP B 295 -43.67 -11.67 23.29
CA ASP B 295 -43.89 -11.82 21.86
C ASP B 295 -42.90 -11.04 20.97
N ARG B 296 -42.08 -10.20 21.58
CA ARG B 296 -41.04 -9.50 20.83
C ARG B 296 -39.83 -10.40 20.59
N LEU B 297 -39.77 -11.53 21.28
CA LEU B 297 -38.69 -12.50 21.06
C LEU B 297 -39.18 -13.56 20.08
N PRO B 298 -38.55 -13.65 18.90
CA PRO B 298 -39.01 -14.65 17.94
C PRO B 298 -38.90 -16.07 18.51
N LYS B 299 -39.74 -16.97 18.02
CA LYS B 299 -39.75 -18.35 18.45
C LYS B 299 -39.14 -19.24 17.40
N PHE B 300 -38.15 -20.03 17.78
CA PHE B 300 -37.65 -21.08 16.90
C PHE B 300 -38.69 -22.18 16.78
N THR B 301 -38.91 -22.67 15.57
CA THR B 301 -39.68 -23.90 15.42
C THR B 301 -38.83 -25.03 15.97
N PRO B 302 -39.43 -26.18 16.30
CA PRO B 302 -38.63 -27.32 16.75
C PRO B 302 -37.52 -27.67 15.74
N GLU B 303 -37.83 -27.62 14.45
CA GLU B 303 -36.83 -27.94 13.42
C GLU B 303 -35.69 -26.92 13.40
N GLN B 304 -36.01 -25.64 13.50
CA GLN B 304 -34.99 -24.59 13.55
C GLN B 304 -34.12 -24.74 14.79
N ALA B 305 -34.75 -25.00 15.92
CA ALA B 305 -34.02 -25.16 17.16
C ALA B 305 -33.05 -26.32 17.07
N ARG B 306 -33.45 -27.40 16.40
CA ARG B 306 -32.59 -28.57 16.25
C ARG B 306 -31.45 -28.29 15.27
N LEU B 307 -31.66 -27.38 14.33
CA LEU B 307 -30.59 -26.97 13.41
C LEU B 307 -29.57 -26.08 14.13
N VAL B 308 -30.06 -25.21 15.02
CA VAL B 308 -29.20 -24.27 15.75
C VAL B 308 -28.44 -24.98 16.88
N LYS B 309 -29.11 -25.85 17.61
CA LYS B 309 -28.46 -26.57 18.69
C LYS B 309 -27.31 -27.43 18.17
N GLY B 310 -26.14 -27.29 18.77
CA GLY B 310 -24.97 -28.09 18.38
C GLY B 310 -24.29 -27.61 17.12
N SER B 311 -24.69 -26.45 16.60
CA SER B 311 -24.16 -25.96 15.32
C SER B 311 -22.84 -25.20 15.42
N ALA B 312 -22.27 -25.09 16.62
CA ALA B 312 -20.94 -24.49 16.76
C ALA B 312 -19.95 -25.55 17.25
N ASP B 313 -18.89 -25.77 16.48
CA ASP B 313 -17.86 -26.75 16.86
C ASP B 313 -16.98 -26.24 18.01
N TYR B 314 -16.91 -24.92 18.15
CA TYR B 314 -16.29 -24.28 19.31
C TYR B 314 -16.95 -22.91 19.45
N ILE B 315 -16.87 -22.37 20.67
CA ILE B 315 -17.43 -21.06 20.93
C ILE B 315 -16.28 -20.06 21.06
N GLY B 316 -16.23 -19.08 20.17
CA GLY B 316 -15.28 -17.98 20.34
C GLY B 316 -15.85 -16.98 21.33
N ILE B 317 -15.06 -16.64 22.35
CA ILE B 317 -15.45 -15.63 23.31
C ILE B 317 -14.49 -14.45 23.24
N ASN B 318 -15.04 -13.27 22.97
CA ASN B 318 -14.30 -12.01 23.06
C ASN B 318 -14.51 -11.46 24.46
N GLN B 319 -13.44 -11.42 25.25
CA GLN B 319 -13.54 -11.10 26.67
C GLN B 319 -12.67 -9.89 26.94
N TYR B 320 -13.27 -8.82 27.45
CA TYR B 320 -12.52 -7.59 27.74
C TYR B 320 -12.60 -7.10 29.17
N THR B 321 -13.81 -7.10 29.73
CA THR B 321 -14.04 -6.35 30.96
C THR B 321 -15.15 -6.96 31.82
N ALA B 322 -15.52 -6.25 32.87
CA ALA B 322 -16.51 -6.71 33.86
C ALA B 322 -17.23 -5.50 34.44
N SER B 323 -18.44 -5.72 34.94
CA SER B 323 -19.27 -4.66 35.57
C SER B 323 -19.95 -5.23 36.79
N TYR B 324 -20.16 -4.38 37.80
CA TYR B 324 -21.05 -4.73 38.91
C TYR B 324 -22.51 -4.46 38.51
N MET B 325 -23.40 -5.33 38.98
CA MET B 325 -24.83 -5.19 38.71
C MET B 325 -25.64 -5.13 40.00
N LYS B 326 -26.57 -4.17 40.04
CA LYS B 326 -27.49 -3.99 41.15
C LYS B 326 -28.89 -4.34 40.65
N GLY B 327 -29.68 -4.94 41.52
CA GLY B 327 -31.00 -5.39 41.16
C GLY B 327 -32.09 -4.41 41.54
N GLN B 328 -33.32 -4.84 41.31
CA GLN B 328 -34.50 -4.04 41.49
C GLN B 328 -35.66 -5.01 41.39
N GLN B 329 -36.84 -4.60 41.85
CA GLN B 329 -38.00 -5.47 41.72
C GLN B 329 -38.42 -5.51 40.25
N LEU B 330 -38.58 -6.70 39.70
CA LEU B 330 -39.04 -6.83 38.32
C LEU B 330 -40.43 -6.24 38.17
N MET B 331 -40.59 -5.37 37.18
CA MET B 331 -41.83 -4.63 36.98
C MET B 331 -42.44 -4.89 35.62
N GLN B 332 -43.76 -4.77 35.55
CA GLN B 332 -44.45 -4.70 34.27
C GLN B 332 -44.19 -3.32 33.68
N GLN B 333 -43.62 -3.27 32.48
CA GLN B 333 -43.27 -1.99 31.87
C GLN B 333 -43.56 -1.97 30.36
N THR B 334 -43.87 -0.79 29.84
CA THR B 334 -44.02 -0.63 28.39
C THR B 334 -42.65 -0.83 27.74
N PRO B 335 -42.56 -1.72 26.74
CA PRO B 335 -41.27 -1.97 26.11
C PRO B 335 -40.66 -0.73 25.47
N THR B 336 -39.36 -0.53 25.66
CA THR B 336 -38.67 0.58 25.02
C THR B 336 -37.43 0.12 24.25
N SER B 337 -36.67 -0.84 24.80
CA SER B 337 -35.45 -1.29 24.12
C SER B 337 -34.93 -2.62 24.67
N TYR B 338 -34.14 -3.31 23.86
CA TYR B 338 -33.38 -4.47 24.34
C TYR B 338 -32.64 -4.13 25.62
N SER B 339 -31.97 -2.97 25.64
CA SER B 339 -31.20 -2.58 26.82
C SER B 339 -32.05 -2.46 28.08
N ALA B 340 -33.20 -1.81 27.95
CA ALA B 340 -34.09 -1.60 29.09
C ALA B 340 -34.80 -2.89 29.53
N ASP B 341 -34.89 -3.86 28.63
CA ASP B 341 -35.54 -5.13 28.92
C ASP B 341 -34.85 -5.91 30.04
N TRP B 342 -33.56 -5.68 30.26
CA TRP B 342 -32.83 -6.46 31.24
C TRP B 342 -33.31 -6.18 32.66
N GLN B 343 -33.85 -4.97 32.86
CA GLN B 343 -34.24 -4.50 34.20
C GLN B 343 -33.12 -4.66 35.23
N VAL B 344 -31.94 -4.13 34.88
CA VAL B 344 -30.80 -4.11 35.78
C VAL B 344 -30.22 -2.70 35.90
N THR B 345 -29.41 -2.51 36.94
CA THR B 345 -28.80 -1.24 37.20
C THR B 345 -27.29 -1.41 37.23
N TYR B 346 -26.62 -0.81 36.26
CA TYR B 346 -25.18 -0.77 36.27
C TYR B 346 -24.72 0.14 37.39
N VAL B 347 -23.66 -0.26 38.08
CA VAL B 347 -23.06 0.60 39.11
C VAL B 347 -21.55 0.59 38.95
N PHE B 348 -20.94 1.73 39.24
CA PHE B 348 -19.49 1.92 39.05
C PHE B 348 -18.60 1.16 40.05
N ALA B 349 -19.06 1.02 41.29
CA ALA B 349 -18.14 0.64 42.35
C ALA B 349 -18.76 -0.28 43.38
N LYS B 350 -17.91 -0.90 44.19
CA LYS B 350 -18.34 -1.71 45.32
C LYS B 350 -17.46 -1.38 46.53
N ASN B 351 -18.09 -1.18 47.68
CA ASN B 351 -17.35 -0.83 48.90
C ASN B 351 -16.41 0.36 48.68
N GLY B 352 -16.86 1.33 47.88
CA GLY B 352 -16.12 2.57 47.66
C GLY B 352 -15.00 2.49 46.64
N LYS B 353 -14.81 1.32 46.04
CA LYS B 353 -13.72 1.11 45.08
C LYS B 353 -14.23 0.79 43.68
N PRO B 354 -13.69 1.46 42.67
CA PRO B 354 -14.03 1.13 41.28
C PRO B 354 -13.65 -0.32 40.98
N ILE B 355 -14.36 -0.94 40.05
CA ILE B 355 -14.09 -2.33 39.68
C ILE B 355 -12.66 -2.48 39.12
N GLY B 356 -12.16 -1.42 38.50
CA GLY B 356 -10.79 -1.39 38.01
C GLY B 356 -10.54 -0.06 37.30
N PRO B 357 -9.29 0.21 36.93
CA PRO B 357 -8.97 1.41 36.15
C PRO B 357 -9.40 1.23 34.69
N GLN B 358 -9.62 2.34 33.99
CA GLN B 358 -10.05 2.27 32.59
C GLN B 358 -8.86 2.34 31.65
N ALA B 359 -8.95 1.64 30.54
CA ALA B 359 -8.03 1.85 29.42
C ALA B 359 -8.51 3.10 28.68
N ASN B 360 -8.09 3.27 27.43
CA ASN B 360 -8.54 4.43 26.66
C ASN B 360 -10.05 4.42 26.40
N SER B 361 -10.59 3.27 26.03
CA SER B 361 -12.01 3.14 25.76
C SER B 361 -12.79 3.20 27.08
N ASN B 362 -13.82 4.04 27.13
CA ASN B 362 -14.54 4.30 28.38
C ASN B 362 -15.20 3.05 28.94
N TRP B 363 -15.57 2.12 28.07
CA TRP B 363 -16.25 0.88 28.49
C TRP B 363 -15.27 -0.17 28.99
N LEU B 364 -13.97 0.03 28.76
CA LEU B 364 -12.99 -1.02 29.05
C LEU B 364 -12.33 -0.81 30.40
N TYR B 365 -12.91 -1.43 31.42
CA TYR B 365 -12.33 -1.45 32.77
C TYR B 365 -11.40 -2.65 32.85
N ILE B 366 -10.19 -2.44 33.36
CA ILE B 366 -9.21 -3.49 33.46
C ILE B 366 -9.51 -4.34 34.69
N VAL B 367 -10.08 -5.51 34.46
CA VAL B 367 -10.57 -6.40 35.52
C VAL B 367 -10.18 -7.84 35.19
N PRO B 368 -8.96 -8.24 35.54
CA PRO B 368 -8.51 -9.56 35.09
C PRO B 368 -9.38 -10.71 35.60
N TRP B 369 -9.94 -10.59 36.80
CA TRP B 369 -10.80 -11.66 37.33
C TRP B 369 -12.10 -11.85 36.54
N GLY B 370 -12.45 -10.91 35.67
CA GLY B 370 -13.59 -11.10 34.78
C GLY B 370 -13.35 -12.21 33.77
N MET B 371 -12.09 -12.41 33.40
CA MET B 371 -11.72 -13.50 32.49
C MET B 371 -12.03 -14.85 33.13
N TYR B 372 -11.61 -15.01 34.39
CA TYR B 372 -11.92 -16.21 35.13
C TYR B 372 -13.43 -16.35 35.27
N GLY B 373 -14.10 -15.26 35.63
CA GLY B 373 -15.54 -15.27 35.81
C GLY B 373 -16.26 -15.82 34.59
N CYS B 374 -15.97 -15.26 33.43
CA CYS B 374 -16.62 -15.68 32.19
C CYS B 374 -16.34 -17.13 31.83
N VAL B 375 -15.08 -17.53 31.93
CA VAL B 375 -14.70 -18.87 31.51
C VAL B 375 -15.27 -19.93 32.46
N ASN B 376 -15.14 -19.68 33.76
CA ASN B 376 -15.74 -20.59 34.73
C ASN B 376 -17.26 -20.68 34.57
N TYR B 377 -17.90 -19.56 34.29
CA TYR B 377 -19.36 -19.53 34.12
C TYR B 377 -19.80 -20.42 32.96
N ILE B 378 -19.14 -20.26 31.80
CA ILE B 378 -19.49 -21.08 30.64
C ILE B 378 -19.22 -22.56 30.92
N LYS B 379 -18.10 -22.86 31.56
CA LYS B 379 -17.78 -24.24 31.94
C LYS B 379 -18.92 -24.85 32.74
N GLN B 380 -19.35 -24.14 33.79
CA GLN B 380 -20.30 -24.71 34.74
C GLN B 380 -21.74 -24.73 34.25
N LYS B 381 -22.11 -23.77 33.41
CA LYS B 381 -23.50 -23.63 32.99
C LYS B 381 -23.84 -24.41 31.73
N TYR B 382 -22.89 -24.49 30.80
CA TYR B 382 -23.16 -25.01 29.45
C TYR B 382 -22.46 -26.32 29.10
N GLY B 383 -22.12 -27.11 30.12
CA GLY B 383 -21.54 -28.43 29.89
C GLY B 383 -20.11 -28.40 29.37
N ASN B 384 -19.38 -27.35 29.72
CA ASN B 384 -17.94 -27.26 29.38
C ASN B 384 -17.67 -27.40 27.88
N PRO B 385 -18.31 -26.56 27.05
CA PRO B 385 -18.08 -26.63 25.61
C PRO B 385 -16.66 -26.18 25.27
N THR B 386 -16.18 -26.56 24.09
CA THR B 386 -14.87 -26.08 23.66
C THR B 386 -14.95 -24.58 23.39
N VAL B 387 -14.10 -23.83 24.08
CA VAL B 387 -14.06 -22.38 23.99
C VAL B 387 -12.71 -21.93 23.45
N VAL B 388 -12.72 -20.92 22.60
CA VAL B 388 -11.48 -20.24 22.20
C VAL B 388 -11.64 -18.80 22.62
N ILE B 389 -10.67 -18.23 23.34
CA ILE B 389 -10.72 -16.79 23.62
C ILE B 389 -10.27 -16.13 22.33
N THR B 390 -11.21 -15.53 21.61
CA THR B 390 -10.96 -15.04 20.26
C THR B 390 -10.55 -13.56 20.21
N GLU B 391 -10.69 -12.84 21.31
CA GLU B 391 -10.15 -11.48 21.48
C GLU B 391 -9.96 -11.19 22.96
N ASN B 392 -8.86 -10.50 23.27
CA ASN B 392 -8.62 -9.93 24.59
C ASN B 392 -7.50 -8.91 24.42
N GLY B 393 -7.68 -7.71 24.98
CA GLY B 393 -6.67 -6.67 24.82
C GLY B 393 -7.16 -5.35 25.36
N MET B 394 -6.34 -4.30 25.21
CA MET B 394 -6.70 -2.98 25.73
C MET B 394 -6.06 -1.90 24.89
N ASP B 395 -6.58 -0.68 25.03
CA ASP B 395 -6.14 0.41 24.15
C ASP B 395 -5.46 1.57 24.84
N GLN B 396 -4.52 2.16 24.09
CA GLN B 396 -3.88 3.43 24.42
C GLN B 396 -4.59 4.56 23.68
N PRO B 397 -4.45 5.80 24.19
CA PRO B 397 -5.12 6.95 23.55
C PRO B 397 -4.35 7.48 22.35
N ALA B 398 -4.95 8.47 21.69
CA ALA B 398 -4.36 9.19 20.57
C ALA B 398 -3.22 10.12 21.04
N ASN B 399 -2.43 10.57 20.07
CA ASN B 399 -1.54 11.71 20.26
C ASN B 399 -0.29 11.47 21.10
N LEU B 400 0.01 10.20 21.39
CA LEU B 400 1.24 9.91 22.12
C LEU B 400 2.43 9.91 21.17
N SER B 401 3.63 9.99 21.74
CA SER B 401 4.81 9.87 20.91
C SER B 401 5.04 8.40 20.58
N ARG B 402 5.87 8.13 19.57
CA ARG B 402 6.21 6.76 19.22
C ARG B 402 6.73 6.02 20.46
N ASP B 403 7.66 6.64 21.16
CA ASP B 403 8.27 5.99 22.31
C ASP B 403 7.25 5.70 23.43
N GLN B 404 6.31 6.61 23.63
CA GLN B 404 5.21 6.38 24.58
C GLN B 404 4.36 5.18 24.18
N TYR B 405 4.07 5.05 22.89
CA TYR B 405 3.31 3.89 22.42
C TYR B 405 4.07 2.60 22.67
N LEU B 406 5.39 2.60 22.44
CA LEU B 406 6.16 1.37 22.55
C LEU B 406 6.36 0.91 24.00
N ARG B 407 6.40 1.86 24.92
CA ARG B 407 6.58 1.50 26.32
C ARG B 407 5.23 1.22 26.97
N ASP B 408 4.55 0.17 26.49
CA ASP B 408 3.17 -0.08 26.86
C ASP B 408 3.06 -0.97 28.10
N THR B 409 3.61 -0.46 29.19
CA THR B 409 3.73 -1.24 30.42
C THR B 409 2.36 -1.66 30.97
N THR B 410 1.34 -0.81 30.79
CA THR B 410 -0.02 -1.14 31.23
C THR B 410 -0.57 -2.34 30.46
N ARG B 411 -0.26 -2.42 29.16
CA ARG B 411 -0.68 -3.57 28.36
C ARG B 411 0.08 -4.84 28.71
N VAL B 412 1.38 -4.72 28.99
CA VAL B 412 2.12 -5.88 29.47
C VAL B 412 1.47 -6.45 30.74
N HIS B 413 1.14 -5.57 31.68
CA HIS B 413 0.49 -5.97 32.94
C HIS B 413 -0.90 -6.59 32.66
N PHE B 414 -1.63 -5.98 31.73
CA PHE B 414 -2.93 -6.49 31.30
C PHE B 414 -2.85 -7.94 30.84
N TYR B 415 -1.96 -8.24 29.90
CA TYR B 415 -1.85 -9.60 29.39
C TYR B 415 -1.36 -10.58 30.45
N ARG B 416 -0.35 -10.19 31.23
CA ARG B 416 0.12 -11.07 32.29
C ARG B 416 -1.03 -11.41 33.26
N SER B 417 -1.79 -10.40 33.67
CA SER B 417 -2.87 -10.62 34.65
C SER B 417 -4.03 -11.41 34.08
N TYR B 418 -4.50 -11.03 32.90
CA TYR B 418 -5.63 -11.72 32.29
C TYR B 418 -5.27 -13.17 31.93
N LEU B 419 -4.06 -13.40 31.43
CA LEU B 419 -3.64 -14.77 31.11
C LEU B 419 -3.46 -15.63 32.36
N THR B 420 -3.03 -15.02 33.46
CA THR B 420 -2.95 -15.74 34.74
C THR B 420 -4.36 -16.18 35.18
N GLN B 421 -5.35 -15.31 34.98
CA GLN B 421 -6.72 -15.65 35.33
C GLN B 421 -7.31 -16.72 34.40
N LEU B 422 -6.99 -16.66 33.12
CA LEU B 422 -7.40 -17.70 32.18
C LEU B 422 -6.78 -19.03 32.58
N LYS B 423 -5.49 -19.02 32.87
CA LYS B 423 -4.80 -20.23 33.32
C LYS B 423 -5.49 -20.84 34.55
N LYS B 424 -5.91 -19.99 35.48
CA LYS B 424 -6.62 -20.45 36.68
C LYS B 424 -7.86 -21.24 36.28
N ALA B 425 -8.64 -20.70 35.34
CA ALA B 425 -9.86 -21.38 34.90
C ALA B 425 -9.55 -22.69 34.17
N ILE B 426 -8.52 -22.68 33.34
CA ILE B 426 -8.12 -23.89 32.61
C ILE B 426 -7.64 -24.96 33.59
N ASP B 427 -6.85 -24.56 34.58
CA ASP B 427 -6.34 -25.50 35.57
C ASP B 427 -7.48 -26.12 36.39
N GLU B 428 -8.61 -25.42 36.49
CA GLU B 428 -9.79 -25.93 37.19
C GLU B 428 -10.68 -26.76 36.26
N GLY B 429 -10.26 -26.93 35.02
CA GLY B 429 -10.93 -27.86 34.11
C GLY B 429 -11.66 -27.26 32.91
N ALA B 430 -11.59 -25.94 32.73
CA ALA B 430 -12.28 -25.33 31.59
C ALA B 430 -11.67 -25.77 30.25
N ASN B 431 -12.54 -26.12 29.31
CA ASN B 431 -12.18 -26.65 28.01
C ASN B 431 -11.83 -25.52 27.02
N VAL B 432 -10.79 -24.76 27.34
CA VAL B 432 -10.34 -23.67 26.47
C VAL B 432 -9.19 -24.17 25.58
N ALA B 433 -9.34 -23.98 24.27
CA ALA B 433 -8.40 -24.55 23.29
C ALA B 433 -7.37 -23.56 22.76
N GLY B 434 -7.63 -22.27 22.96
CA GLY B 434 -6.72 -21.26 22.44
C GLY B 434 -7.05 -19.87 22.92
N TYR B 435 -6.15 -18.95 22.59
CA TYR B 435 -6.21 -17.56 23.05
C TYR B 435 -5.62 -16.64 21.98
N PHE B 436 -6.37 -15.58 21.65
CA PHE B 436 -6.00 -14.64 20.60
C PHE B 436 -6.04 -13.20 21.12
N ALA B 437 -4.93 -12.49 20.95
CA ALA B 437 -4.81 -11.10 21.40
C ALA B 437 -5.40 -10.13 20.36
N TRP B 438 -6.33 -9.28 20.79
CA TRP B 438 -6.78 -8.16 19.95
C TRP B 438 -5.91 -6.95 20.35
N SER B 439 -5.07 -6.43 19.46
CA SER B 439 -4.91 -6.83 18.07
C SER B 439 -3.43 -6.97 17.75
N LEU B 440 -3.12 -7.62 16.63
CA LEU B 440 -1.75 -7.60 16.13
C LEU B 440 -1.25 -6.16 15.99
N LEU B 441 -2.10 -5.30 15.44
CA LEU B 441 -1.69 -3.96 14.97
C LEU B 441 -2.64 -2.91 15.48
N ASP B 442 -2.15 -1.73 15.82
CA ASP B 442 -3.05 -0.57 15.94
C ASP B 442 -3.82 -0.46 14.63
N ASN B 443 -5.09 -0.13 14.70
CA ASN B 443 -5.93 -0.17 13.51
C ASN B 443 -7.13 0.77 13.59
N PHE B 444 -8.06 0.64 12.64
CA PHE B 444 -9.27 1.46 12.61
C PHE B 444 -10.29 0.91 13.61
N GLU B 445 -10.44 1.60 14.74
CA GLU B 445 -11.32 1.14 15.82
C GLU B 445 -12.74 1.74 15.73
N TRP B 446 -13.42 1.42 14.64
CA TRP B 446 -14.84 1.74 14.47
C TRP B 446 -15.13 3.22 14.78
N LEU B 447 -16.05 3.52 15.70
CA LEU B 447 -16.39 4.93 15.97
C LEU B 447 -15.19 5.77 16.42
N SER B 448 -14.21 5.12 17.05
CA SER B 448 -13.03 5.82 17.55
C SER B 448 -12.00 6.07 16.46
N GLY B 449 -12.21 5.50 15.28
CA GLY B 449 -11.24 5.66 14.19
C GLY B 449 -9.83 5.32 14.65
N TYR B 450 -8.88 6.19 14.36
CA TYR B 450 -7.48 5.96 14.71
C TYR B 450 -7.09 6.55 16.06
N THR B 451 -8.08 6.92 16.86
CA THR B 451 -7.80 7.52 18.17
C THR B 451 -7.68 6.48 19.30
N SER B 452 -7.88 5.21 18.97
CA SER B 452 -7.78 4.11 19.93
C SER B 452 -6.75 3.11 19.39
N LYS B 453 -5.74 2.81 20.19
CA LYS B 453 -4.62 1.95 19.76
C LYS B 453 -4.60 0.63 20.57
N PHE B 454 -5.07 -0.45 19.94
CA PHE B 454 -5.20 -1.77 20.59
C PHE B 454 -4.04 -2.71 20.27
N GLY B 455 -3.12 -2.30 19.42
CA GLY B 455 -2.10 -3.24 18.93
C GLY B 455 -1.00 -3.62 19.92
N ILE B 456 -0.50 -4.84 19.80
CA ILE B 456 0.80 -5.15 20.39
C ILE B 456 1.94 -4.64 19.49
N VAL B 457 1.61 -4.30 18.24
CA VAL B 457 2.54 -3.65 17.31
C VAL B 457 2.00 -2.24 17.01
N TYR B 458 2.84 -1.24 17.19
CA TYR B 458 2.52 0.15 16.87
C TYR B 458 2.52 0.37 15.36
N VAL B 459 1.51 1.09 14.87
CA VAL B 459 1.48 1.52 13.48
C VAL B 459 1.53 3.05 13.46
N ASP B 460 2.52 3.59 12.77
CA ASP B 460 2.60 5.02 12.55
C ASP B 460 1.64 5.32 11.40
N PHE B 461 0.56 6.05 11.67
CA PHE B 461 -0.46 6.25 10.63
C PHE B 461 -0.14 7.32 9.60
N ASN B 462 1.01 7.97 9.75
CA ASN B 462 1.53 8.82 8.70
C ASN B 462 2.37 8.05 7.69
N THR B 463 3.25 7.20 8.20
CA THR B 463 4.19 6.48 7.34
C THR B 463 3.79 5.02 7.09
N LEU B 464 2.88 4.52 7.93
CA LEU B 464 2.42 3.10 7.96
C LEU B 464 3.47 2.10 8.45
N GLU B 465 4.60 2.60 8.97
CA GLU B 465 5.61 1.74 9.55
C GLU B 465 5.09 0.97 10.78
N ARG B 466 5.53 -0.27 10.90
CA ARG B 466 5.25 -1.12 12.08
C ARG B 466 6.43 -1.10 13.04
N HIS B 467 6.13 -1.04 14.34
CA HIS B 467 7.15 -1.11 15.39
C HIS B 467 6.58 -1.94 16.55
N PRO B 468 7.14 -3.12 16.84
CA PRO B 468 6.64 -3.89 18.00
C PRO B 468 6.75 -3.12 19.32
N LYS B 469 5.69 -3.18 20.12
CA LYS B 469 5.70 -2.58 21.45
C LYS B 469 6.28 -3.57 22.46
N ALA B 470 6.47 -3.09 23.69
CA ALA B 470 6.95 -3.97 24.76
C ALA B 470 6.06 -5.21 24.91
N SER B 471 4.76 -5.04 24.74
CA SER B 471 3.84 -6.18 24.86
C SER B 471 4.10 -7.25 23.80
N ALA B 472 4.48 -6.83 22.60
CA ALA B 472 4.86 -7.79 21.57
C ALA B 472 6.08 -8.62 21.98
N TYR B 473 7.07 -7.94 22.57
CA TYR B 473 8.25 -8.65 23.04
C TYR B 473 7.94 -9.54 24.25
N TRP B 474 6.97 -9.13 25.05
CA TRP B 474 6.48 -9.96 26.14
C TRP B 474 5.94 -11.27 25.59
N PHE B 475 5.08 -11.20 24.58
CA PHE B 475 4.56 -12.42 23.96
C PHE B 475 5.68 -13.26 23.34
N ARG B 476 6.62 -12.62 22.67
CA ARG B 476 7.72 -13.35 22.06
C ARG B 476 8.47 -14.18 23.11
N ASP B 477 8.73 -13.56 24.25
CA ASP B 477 9.40 -14.24 25.37
C ASP B 477 8.54 -15.35 25.96
N MET B 478 7.26 -15.05 26.19
CA MET B 478 6.34 -15.99 26.81
C MET B 478 6.12 -17.23 25.93
N LEU B 479 6.10 -17.02 24.62
CA LEU B 479 5.68 -18.05 23.67
C LEU B 479 6.81 -18.84 23.03
N LYS B 480 8.05 -18.55 23.44
CA LYS B 480 9.18 -19.22 22.79
C LYS B 480 9.04 -20.73 22.92
N HIS B 481 9.28 -21.43 21.81
CA HIS B 481 9.02 -22.87 21.72
C HIS B 481 10.18 -23.65 22.31
C2 BGC C . 19.37 5.74 -19.97
C3 BGC C . 18.50 4.87 -19.07
C4 BGC C . 18.16 3.59 -19.83
C5 BGC C . 19.37 2.93 -20.49
C6 BGC C . 18.96 1.75 -21.36
C1 BGC C . 20.57 4.97 -20.53
O1 BGC C . 21.32 5.83 -21.37
O2 BGC C . 19.84 6.88 -19.27
O3 BGC C . 17.29 5.57 -18.82
O4 BGC C . 17.56 2.66 -18.91
O5 BGC C . 20.06 3.88 -21.31
O6 BGC C . 18.37 2.21 -22.59
C2 BGC C . 15.51 6.23 -17.07
C3 BGC C . 15.09 5.55 -15.79
C4 BGC C . 15.79 4.19 -15.75
C5 BGC C . 17.26 4.41 -15.44
C6 BGC C . 18.11 3.13 -15.40
C1 BGC C . 16.90 5.74 -17.43
O2 BGC C . 15.22 7.65 -16.97
O3 BGC C . 13.67 5.42 -15.87
O4 BGC C . 15.16 3.32 -14.79
O5 BGC C . 17.83 5.34 -16.38
O6 BGC C . 17.88 2.32 -16.56
C2 BGC D . -16.45 -5.97 22.40
C3 BGC D . -15.66 -5.09 21.43
C4 BGC D . -16.40 -3.75 21.33
C5 BGC D . -16.72 -3.14 22.70
C6 BGC D . -17.61 -1.90 22.55
C1 BGC D . -16.66 -5.28 23.74
O1 BGC D . -17.41 -6.14 24.60
O2 BGC D . -15.80 -7.22 22.60
O3 BGC D . -15.70 -5.71 20.15
O4 BGC D . -15.59 -2.85 20.59
O5 BGC D . -17.40 -4.08 23.53
O6 BGC D . -18.97 -2.28 22.27
C2 BGC D . -14.42 -6.28 17.99
C3 BGC D . -13.19 -5.67 17.37
C4 BGC D . -12.87 -4.41 18.18
C5 BGC D . -12.29 -4.81 19.53
C6 BGC D . -11.95 -3.63 20.46
C1 BGC D . -14.43 -5.93 19.47
O2 BGC D . -14.53 -7.67 17.58
O3 BGC D . -13.55 -5.38 16.02
O4 BGC D . -11.95 -3.59 17.44
O5 BGC D . -13.17 -5.73 20.19
O6 BGC D . -13.05 -2.71 20.60
ZN ZN E . -0.47 0.05 -0.37
S SO4 F . -1.55 26.44 -4.05
O1 SO4 F . -0.40 26.58 -3.14
O2 SO4 F . -1.95 27.77 -4.53
O3 SO4 F . -2.64 25.79 -3.34
O4 SO4 F . -1.15 25.61 -5.18
O1 MES G . 15.57 28.90 -40.24
C2 MES G . 16.34 28.67 -39.06
C3 MES G . 16.00 27.31 -38.48
N4 MES G . 15.87 26.26 -39.51
C5 MES G . 15.69 26.56 -40.94
C6 MES G . 16.00 28.01 -41.27
C7 MES G . 15.82 24.87 -39.03
C8 MES G . 16.52 23.86 -39.96
S MES G . 16.36 22.26 -39.46
O1S MES G . 14.94 22.44 -39.15
O2S MES G . 17.39 22.43 -38.43
O3S MES G . 16.61 21.82 -40.87
S SO4 H . -7.13 -25.58 -3.10
O1 SO4 H . -6.04 -25.90 -2.18
O2 SO4 H . -7.78 -26.83 -3.53
O3 SO4 H . -6.60 -24.88 -4.26
O4 SO4 H . -8.09 -24.75 -2.40
O1 MES I . -39.27 -27.00 20.77
C2 MES I . -37.97 -26.92 21.35
C3 MES I . -37.34 -25.56 21.04
N4 MES I . -38.27 -24.45 21.25
C5 MES I . -39.72 -24.62 21.23
C6 MES I . -40.14 -26.09 21.41
C7 MES I . -37.66 -23.11 21.29
C8 MES I . -38.50 -22.03 22.01
S MES I . -37.76 -20.49 21.92
O1S MES I . -37.96 -20.34 20.49
O2S MES I . -36.47 -20.91 22.44
O3S MES I . -38.49 -19.84 23.00
#